data_4YFI
#
_entry.id   4YFI
#
_cell.length_a   80.069
_cell.length_b   115.682
_cell.length_c   92.015
_cell.angle_alpha   90.000
_cell.angle_beta   92.080
_cell.angle_gamma   90.000
#
_symmetry.space_group_name_H-M   'P 1 21 1'
#
loop_
_entity.id
_entity.type
_entity.pdbx_description
1 polymer 'Serine/threonine-protein kinase TNNI3K'
2 non-polymer N-methyl-3-(9H-purin-6-ylamino)benzenesulfonamide
3 water water
#
_entity_poly.entity_id   1
_entity_poly.type   'polypeptide(L)'
_entity_poly.pdbx_seq_one_letter_code
;GKHYKRPQDELPCNEYSQPGGDGSYVSVPSPLGKIKSMTKEKADILLLRAGLPSHFHLQLSEIEFHEIIGSGSFGKVYKG
RCRNKIVAIKRYRANTYCSKSDVDMFCREVSILCQLNHPCVIQFVGACLNDPSQFAIVTQYISGGSLFSLLHEQKRILDL
QSKLIIAVDVAKGMEYLHNLTQPIIHRDLNSHNILLYEDGHAVVADFGESRFLQSLDEDNMTKQPGNLRWMAPEVFTQCT
RYTIKADVFSYALCLWEILTGEIPFAHLKPAAADMDMAYHHIRPPIGYSIPKPISSLLIRGWNACPEGRPEFSEVVMKLE
ECLCNIELMS
;
_entity_poly.pdbx_strand_id   A,B,C,D
#
# COMPACT_ATOMS: atom_id res chain seq x y z
N GLU A 41 10.60 37.98 -24.61
CA GLU A 41 9.10 38.07 -24.74
C GLU A 41 8.67 38.34 -26.17
N LYS A 42 9.25 39.39 -26.77
CA LYS A 42 9.04 39.70 -28.18
C LYS A 42 9.54 38.55 -29.06
N ALA A 43 10.67 37.95 -28.66
CA ALA A 43 11.22 36.79 -29.37
C ALA A 43 10.38 35.53 -29.19
N ASP A 44 9.79 35.34 -28.01
CA ASP A 44 8.94 34.17 -27.74
C ASP A 44 7.63 34.23 -28.51
N ILE A 45 7.00 35.41 -28.55
CA ILE A 45 5.77 35.61 -29.30
C ILE A 45 5.99 35.41 -30.80
N LEU A 46 7.06 35.99 -31.35
CA LEU A 46 7.38 35.82 -32.77
C LEU A 46 7.67 34.36 -33.12
N LEU A 47 8.39 33.64 -32.26
CA LEU A 47 8.66 32.21 -32.48
CA LEU A 47 8.66 32.22 -32.48
C LEU A 47 7.36 31.42 -32.49
N LEU A 48 6.45 31.76 -31.58
CA LEU A 48 5.13 31.12 -31.49
C LEU A 48 4.29 31.41 -32.72
N ARG A 49 4.24 32.69 -33.09
CA ARG A 49 3.58 33.17 -34.32
C ARG A 49 4.07 32.37 -35.53
N ALA A 50 5.39 32.14 -35.61
CA ALA A 50 5.99 31.39 -36.71
C ALA A 50 5.61 29.90 -36.78
N GLY A 51 5.42 29.26 -35.61
CA GLY A 51 5.08 27.84 -35.55
C GLY A 51 3.58 27.57 -35.55
N LEU A 52 2.79 28.63 -35.43
CA LEU A 52 1.35 28.50 -35.32
C LEU A 52 0.71 28.61 -36.70
N PRO A 53 -0.01 27.54 -37.13
CA PRO A 53 -0.65 27.53 -38.46
C PRO A 53 -1.52 28.73 -38.69
N SER A 54 -1.55 29.18 -39.94
CA SER A 54 -2.08 30.50 -40.30
C SER A 54 -3.55 30.72 -39.90
N HIS A 55 -4.39 29.70 -40.05
CA HIS A 55 -5.82 29.82 -39.69
C HIS A 55 -6.11 30.12 -38.21
N PHE A 56 -5.19 29.78 -37.31
CA PHE A 56 -5.37 30.07 -35.90
C PHE A 56 -5.09 31.55 -35.54
N HIS A 57 -4.55 32.35 -36.47
CA HIS A 57 -4.17 33.73 -36.11
C HIS A 57 -5.39 34.63 -36.11
N LEU A 58 -5.55 35.37 -35.03
CA LEU A 58 -6.73 36.21 -34.83
C LEU A 58 -6.34 37.61 -34.36
N GLN A 59 -7.17 38.58 -34.73
CA GLN A 59 -7.08 39.92 -34.20
C GLN A 59 -8.18 40.06 -33.19
N LEU A 60 -7.89 40.80 -32.12
CA LEU A 60 -8.88 41.05 -31.09
C LEU A 60 -10.13 41.78 -31.64
N SER A 61 -9.97 42.54 -32.73
CA SER A 61 -11.09 43.22 -33.37
C SER A 61 -12.07 42.25 -34.06
N GLU A 62 -11.60 41.05 -34.39
CA GLU A 62 -12.48 40.00 -34.96
C GLU A 62 -13.31 39.26 -33.91
N ILE A 63 -13.09 39.55 -32.63
CA ILE A 63 -13.80 38.87 -31.55
C ILE A 63 -14.84 39.78 -30.88
N GLU A 64 -16.05 39.26 -30.77
CA GLU A 64 -17.16 39.88 -30.10
C GLU A 64 -17.34 39.14 -28.77
N PHE A 65 -17.53 39.87 -27.68
CA PHE A 65 -17.52 39.29 -26.34
C PHE A 65 -18.88 39.47 -25.68
N HIS A 66 -19.66 38.40 -25.55
CA HIS A 66 -21.03 38.53 -25.01
C HIS A 66 -21.06 38.46 -23.48
N GLU A 67 -21.25 37.29 -22.89
CA GLU A 67 -21.32 37.20 -21.43
C GLU A 67 -20.22 36.35 -20.84
N ILE A 68 -19.94 36.55 -19.55
CA ILE A 68 -18.93 35.79 -18.82
C ILE A 68 -19.44 34.41 -18.46
N ILE A 69 -18.71 33.39 -18.86
CA ILE A 69 -19.09 32.02 -18.49
C ILE A 69 -18.06 31.31 -17.63
N GLY A 70 -16.89 31.93 -17.43
CA GLY A 70 -15.82 31.34 -16.62
C GLY A 70 -14.90 32.40 -16.05
N SER A 71 -14.19 32.07 -14.97
CA SER A 71 -13.38 33.06 -14.25
C SER A 71 -11.99 32.47 -13.88
N GLY A 72 -11.23 33.17 -13.04
CA GLY A 72 -9.87 32.75 -12.66
C GLY A 72 -8.89 33.91 -12.42
N SER A 73 -7.71 33.58 -11.89
CA SER A 73 -6.66 34.57 -11.64
C SER A 73 -5.98 34.98 -12.96
N PHE A 74 -6.00 34.08 -13.93
CA PHE A 74 -5.46 34.31 -15.29
C PHE A 74 -6.20 35.42 -16.07
N GLY A 75 -7.51 35.49 -15.86
CA GLY A 75 -8.38 36.38 -16.62
C GLY A 75 -9.81 35.90 -16.58
N LYS A 76 -10.52 36.02 -17.70
CA LYS A 76 -11.94 35.65 -17.80
C LYS A 76 -12.29 34.88 -19.07
N VAL A 77 -13.37 34.11 -18.98
CA VAL A 77 -13.86 33.34 -20.12
C VAL A 77 -15.25 33.79 -20.54
N TYR A 78 -15.42 33.98 -21.84
CA TYR A 78 -16.65 34.54 -22.40
C TYR A 78 -17.31 33.62 -23.39
N LYS A 79 -18.63 33.75 -23.48
CA LYS A 79 -19.33 33.36 -24.69
C LYS A 79 -19.19 34.52 -25.67
N GLY A 80 -19.19 34.24 -26.96
CA GLY A 80 -18.94 35.28 -27.94
C GLY A 80 -18.98 34.79 -29.36
N ARG A 81 -18.51 35.64 -30.25
CA ARG A 81 -18.64 35.42 -31.69
C ARG A 81 -17.33 35.78 -32.38
N CYS A 82 -16.98 34.99 -33.39
CA CYS A 82 -15.72 35.16 -34.13
C CYS A 82 -15.91 34.60 -35.54
N ARG A 83 -15.67 35.45 -36.54
CA ARG A 83 -15.85 35.11 -37.95
C ARG A 83 -17.29 34.62 -38.23
N ASN A 84 -18.23 35.07 -37.40
CA ASN A 84 -19.65 34.65 -37.41
C ASN A 84 -19.99 33.31 -36.71
N LYS A 85 -19.05 32.78 -35.94
CA LYS A 85 -19.24 31.51 -35.24
C LYS A 85 -19.33 31.75 -33.75
N ILE A 86 -20.35 31.20 -33.10
CA ILE A 86 -20.41 31.21 -31.63
C ILE A 86 -19.21 30.45 -31.04
N VAL A 87 -18.46 31.12 -30.16
CA VAL A 87 -17.22 30.59 -29.61
C VAL A 87 -17.08 30.88 -28.11
N ALA A 88 -16.06 30.26 -27.52
CA ALA A 88 -15.66 30.55 -26.16
C ALA A 88 -14.29 31.23 -26.21
N ILE A 89 -14.13 32.34 -25.49
CA ILE A 89 -12.88 33.09 -25.49
C ILE A 89 -12.32 33.26 -24.11
N LYS A 90 -11.11 32.75 -23.89
CA LYS A 90 -10.34 33.09 -22.71
C LYS A 90 -9.55 34.38 -22.94
N ARG A 91 -9.87 35.41 -22.15
CA ARG A 91 -9.18 36.70 -22.21
C ARG A 91 -8.10 36.76 -21.11
N TYR A 92 -6.95 37.35 -21.40
CA TYR A 92 -5.88 37.43 -20.40
C TYR A 92 -5.86 38.77 -19.63
N ARG A 93 -5.34 38.69 -18.40
CA ARG A 93 -5.46 39.72 -17.37
C ARG A 93 -5.27 41.18 -17.84
N SER A 101 5.71 36.79 -15.64
CA SER A 101 5.42 35.37 -15.88
C SER A 101 4.36 35.06 -16.97
N ASP A 102 3.54 36.06 -17.35
CA ASP A 102 2.30 35.82 -18.15
C ASP A 102 2.48 35.48 -19.63
N VAL A 103 3.64 35.83 -20.20
CA VAL A 103 3.96 35.50 -21.59
C VAL A 103 4.31 34.03 -21.76
N ASP A 104 5.15 33.49 -20.87
CA ASP A 104 5.51 32.05 -20.87
C ASP A 104 4.27 31.18 -20.84
N MET A 105 3.35 31.57 -19.95
CA MET A 105 2.07 30.90 -19.74
C MET A 105 1.23 30.89 -21.01
N PHE A 106 1.15 32.04 -21.68
CA PHE A 106 0.32 32.16 -22.87
C PHE A 106 0.90 31.33 -24.03
N CYS A 107 2.21 31.45 -24.24
CA CYS A 107 2.90 30.69 -25.30
C CYS A 107 2.74 29.19 -25.08
N ARG A 108 2.93 28.74 -23.85
CA ARG A 108 2.70 27.35 -23.49
C ARG A 108 1.24 26.89 -23.73
N GLU A 109 0.25 27.66 -23.28
CA GLU A 109 -1.15 27.24 -23.39
C GLU A 109 -1.57 27.12 -24.85
N VAL A 110 -1.15 28.09 -25.66
CA VAL A 110 -1.43 28.06 -27.09
C VAL A 110 -0.70 26.88 -27.71
N SER A 111 0.55 26.66 -27.32
CA SER A 111 1.32 25.54 -27.83
C SER A 111 0.59 24.23 -27.65
N ILE A 112 0.16 23.98 -26.43
CA ILE A 112 -0.54 22.76 -26.11
C ILE A 112 -1.85 22.64 -26.92
N LEU A 113 -2.64 23.72 -26.95
CA LEU A 113 -3.93 23.74 -27.64
C LEU A 113 -3.87 23.34 -29.12
N CYS A 114 -2.90 23.85 -29.87
CA CYS A 114 -2.82 23.53 -31.32
C CYS A 114 -2.29 22.12 -31.61
N GLN A 115 -1.78 21.42 -30.59
CA GLN A 115 -1.54 19.98 -30.69
C GLN A 115 -2.83 19.14 -30.61
N LEU A 116 -3.91 19.71 -30.07
CA LEU A 116 -5.10 18.91 -29.73
C LEU A 116 -6.00 18.60 -30.92
N ASN A 117 -6.18 17.32 -31.15
CA ASN A 117 -7.05 16.84 -32.21
C ASN A 117 -7.67 15.52 -31.78
N HIS A 118 -8.73 15.61 -30.99
CA HIS A 118 -9.45 14.43 -30.52
C HIS A 118 -10.86 14.86 -30.06
N PRO A 119 -11.90 14.10 -30.43
CA PRO A 119 -13.28 14.56 -30.18
C PRO A 119 -13.71 14.69 -28.70
N CYS A 120 -12.94 14.07 -27.80
CA CYS A 120 -13.10 14.19 -26.33
C CYS A 120 -12.27 15.28 -25.64
N VAL A 121 -11.77 16.22 -26.41
CA VAL A 121 -10.85 17.22 -25.92
C VAL A 121 -11.18 18.50 -26.67
N ILE A 122 -11.08 19.63 -26.00
CA ILE A 122 -11.52 20.92 -26.55
C ILE A 122 -10.89 21.25 -27.92
N GLN A 123 -11.69 21.84 -28.81
CA GLN A 123 -11.27 22.21 -30.17
C GLN A 123 -10.76 23.64 -30.15
N PHE A 124 -9.46 23.79 -30.36
CA PHE A 124 -8.85 25.10 -30.50
C PHE A 124 -9.33 25.76 -31.80
N VAL A 125 -9.70 27.04 -31.73
CA VAL A 125 -10.13 27.78 -32.91
C VAL A 125 -9.10 28.86 -33.29
N GLY A 126 -8.49 29.49 -32.30
CA GLY A 126 -7.40 30.40 -32.58
C GLY A 126 -7.04 31.26 -31.40
N ALA A 127 -6.02 32.10 -31.61
CA ALA A 127 -5.50 32.99 -30.57
C ALA A 127 -5.19 34.38 -31.13
N CYS A 128 -5.20 35.37 -30.25
CA CYS A 128 -4.65 36.69 -30.57
CA CYS A 128 -4.66 36.70 -30.54
C CYS A 128 -3.30 36.83 -29.87
N LEU A 129 -2.25 37.00 -30.65
CA LEU A 129 -0.91 37.13 -30.11
C LEU A 129 -0.25 38.38 -30.67
N ASN A 130 -1.05 39.41 -30.89
CA ASN A 130 -0.57 40.68 -31.40
C ASN A 130 0.44 41.33 -30.45
N ASP A 131 0.04 41.49 -29.18
CA ASP A 131 0.94 41.88 -28.09
C ASP A 131 0.30 41.46 -26.74
N PRO A 132 1.09 41.43 -25.64
CA PRO A 132 0.61 40.92 -24.34
C PRO A 132 -0.69 41.54 -23.80
N SER A 133 -0.97 42.78 -24.15
CA SER A 133 -2.20 43.46 -23.76
C SER A 133 -3.43 42.82 -24.39
N GLN A 134 -3.27 42.23 -25.57
CA GLN A 134 -4.39 41.68 -26.33
C GLN A 134 -4.57 40.14 -26.28
N PHE A 135 -3.84 39.47 -25.38
CA PHE A 135 -3.81 38.00 -25.36
C PHE A 135 -5.19 37.34 -25.18
N ALA A 136 -5.58 36.52 -26.15
CA ALA A 136 -6.86 35.80 -26.11
C ALA A 136 -6.71 34.41 -26.67
N ILE A 137 -7.60 33.53 -26.25
CA ILE A 137 -7.61 32.15 -26.72
C ILE A 137 -9.03 31.74 -27.07
N VAL A 138 -9.25 31.34 -28.32
CA VAL A 138 -10.59 30.96 -28.77
C VAL A 138 -10.73 29.46 -29.03
N THR A 139 -11.79 28.88 -28.51
CA THR A 139 -12.12 27.47 -28.73
C THR A 139 -13.59 27.34 -29.07
N GLN A 140 -14.02 26.14 -29.43
CA GLN A 140 -15.45 25.86 -29.62
C GLN A 140 -16.25 26.28 -28.39
N TYR A 141 -17.51 26.63 -28.62
CA TYR A 141 -18.46 26.83 -27.52
C TYR A 141 -19.41 25.60 -27.46
N ILE A 142 -19.73 25.18 -26.25
CA ILE A 142 -20.49 23.96 -26.07
C ILE A 142 -21.71 24.34 -25.26
N SER A 143 -22.87 24.20 -25.88
CA SER A 143 -24.10 24.83 -25.41
C SER A 143 -24.76 24.11 -24.23
N GLY A 144 -24.35 22.86 -23.98
CA GLY A 144 -24.93 22.09 -22.89
C GLY A 144 -24.30 22.33 -21.53
N GLY A 145 -23.25 23.18 -21.50
CA GLY A 145 -22.69 23.66 -20.23
C GLY A 145 -21.75 22.70 -19.54
N SER A 146 -21.30 23.09 -18.35
CA SER A 146 -20.28 22.32 -17.67
C SER A 146 -20.99 21.22 -16.89
N LEU A 147 -20.25 20.15 -16.62
CA LEU A 147 -20.74 19.09 -15.78
C LEU A 147 -21.07 19.61 -14.38
N PHE A 148 -20.26 20.53 -13.87
CA PHE A 148 -20.53 21.12 -12.54
C PHE A 148 -21.93 21.74 -12.52
N SER A 149 -22.29 22.50 -13.55
CA SER A 149 -23.62 23.09 -13.61
C SER A 149 -24.68 22.01 -13.63
N LEU A 150 -24.51 21.02 -14.49
CA LEU A 150 -25.55 20.01 -14.66
C LEU A 150 -25.85 19.34 -13.33
N LEU A 151 -24.78 18.94 -12.63
CA LEU A 151 -24.91 18.16 -11.41
C LEU A 151 -25.28 19.00 -10.18
N HIS A 152 -24.66 20.16 -10.01
CA HIS A 152 -24.79 20.93 -8.76
C HIS A 152 -25.63 22.24 -8.84
N GLU A 153 -25.93 22.73 -10.03
CA GLU A 153 -26.70 23.95 -10.18
C GLU A 153 -28.08 23.65 -10.75
N GLN A 154 -28.14 23.05 -11.94
CA GLN A 154 -29.40 22.56 -12.49
C GLN A 154 -29.90 21.36 -11.68
N LYS A 155 -28.99 20.64 -11.03
CA LYS A 155 -29.32 19.45 -10.25
C LYS A 155 -30.17 18.46 -11.03
N ARG A 156 -29.72 18.13 -12.24
CA ARG A 156 -30.46 17.25 -13.13
C ARG A 156 -30.12 15.78 -12.84
N ILE A 157 -31.11 14.91 -13.03
CA ILE A 157 -30.99 13.46 -12.76
C ILE A 157 -30.62 12.69 -14.03
N LEU A 158 -29.52 11.94 -13.97
CA LEU A 158 -29.06 11.16 -15.12
C LEU A 158 -29.21 9.69 -14.78
N ASP A 159 -29.52 8.90 -15.80
CA ASP A 159 -29.46 7.45 -15.67
C ASP A 159 -28.00 6.97 -15.80
N LEU A 160 -27.76 5.71 -15.45
CA LEU A 160 -26.42 5.19 -15.37
C LEU A 160 -25.71 5.26 -16.72
N GLN A 161 -26.42 5.00 -17.81
CA GLN A 161 -25.82 4.99 -19.12
C GLN A 161 -25.25 6.37 -19.44
N SER A 162 -26.07 7.40 -19.24
CA SER A 162 -25.67 8.78 -19.50
C SER A 162 -24.43 9.19 -18.69
N LYS A 163 -24.36 8.70 -17.46
CA LYS A 163 -23.23 8.97 -16.59
C LYS A 163 -21.96 8.33 -17.14
N LEU A 164 -22.08 7.09 -17.59
CA LEU A 164 -20.91 6.32 -18.02
C LEU A 164 -20.37 6.83 -19.32
N ILE A 165 -21.26 7.34 -20.17
CA ILE A 165 -20.83 7.97 -21.41
C ILE A 165 -19.97 9.20 -21.12
N ILE A 166 -20.43 10.04 -20.22
CA ILE A 166 -19.61 11.17 -19.82
C ILE A 166 -18.28 10.62 -19.29
N ALA A 167 -18.33 9.75 -18.29
CA ALA A 167 -17.11 9.27 -17.66
C ALA A 167 -16.12 8.70 -18.68
N VAL A 168 -16.66 7.96 -19.64
CA VAL A 168 -15.85 7.35 -20.70
C VAL A 168 -15.27 8.36 -21.67
N ASP A 169 -16.05 9.34 -22.07
CA ASP A 169 -15.51 10.42 -22.90
C ASP A 169 -14.36 11.16 -22.19
N VAL A 170 -14.53 11.46 -20.91
CA VAL A 170 -13.45 12.14 -20.18
C VAL A 170 -12.23 11.23 -20.17
N ALA A 171 -12.45 9.94 -19.96
CA ALA A 171 -11.35 8.98 -19.83
C ALA A 171 -10.56 8.92 -21.14
N LYS A 172 -11.28 8.88 -22.25
CA LYS A 172 -10.66 8.86 -23.56
C LYS A 172 -9.83 10.10 -23.81
N GLY A 173 -10.38 11.25 -23.43
CA GLY A 173 -9.71 12.51 -23.63
C GLY A 173 -8.39 12.52 -22.92
N MET A 174 -8.40 12.02 -21.69
CA MET A 174 -7.22 11.94 -20.85
C MET A 174 -6.22 10.89 -21.35
N GLU A 175 -6.74 9.76 -21.82
CA GLU A 175 -5.92 8.75 -22.49
C GLU A 175 -5.14 9.36 -23.65
N TYR A 176 -5.83 10.20 -24.41
CA TYR A 176 -5.26 10.82 -25.59
C TYR A 176 -4.09 11.71 -25.19
N LEU A 177 -4.35 12.61 -24.24
CA LEU A 177 -3.34 13.53 -23.75
C LEU A 177 -2.14 12.77 -23.23
N HIS A 178 -2.38 11.75 -22.40
CA HIS A 178 -1.29 11.00 -21.74
C HIS A 178 -0.46 10.16 -22.69
N ASN A 179 -1.02 9.77 -23.82
CA ASN A 179 -0.32 8.90 -24.77
C ASN A 179 0.20 9.61 -26.02
N LEU A 180 0.13 10.95 -26.06
CA LEU A 180 0.83 11.70 -27.12
C LEU A 180 2.33 11.36 -27.07
N THR A 181 3.00 11.60 -28.20
CA THR A 181 4.46 11.39 -28.29
C THR A 181 5.13 12.22 -27.22
N GLN A 182 4.63 13.44 -27.09
CA GLN A 182 4.93 14.30 -25.94
C GLN A 182 3.69 14.41 -25.07
N PRO A 183 3.59 13.54 -24.04
CA PRO A 183 2.42 13.55 -23.19
C PRO A 183 2.14 14.92 -22.57
N ILE A 184 0.86 15.22 -22.46
CA ILE A 184 0.38 16.40 -21.79
C ILE A 184 -0.33 15.91 -20.54
N ILE A 185 -0.10 16.62 -19.45
CA ILE A 185 -0.79 16.42 -18.19
C ILE A 185 -1.76 17.58 -18.05
N HIS A 186 -2.97 17.34 -17.54
CA HIS A 186 -3.96 18.40 -17.48
C HIS A 186 -3.84 19.28 -16.24
N ARG A 187 -3.71 18.63 -15.09
CA ARG A 187 -3.42 19.27 -13.78
C ARG A 187 -4.51 20.02 -13.07
N ASP A 188 -5.69 20.07 -13.67
CA ASP A 188 -6.77 20.88 -13.14
C ASP A 188 -8.08 20.24 -13.55
N LEU A 189 -8.12 18.91 -13.45
CA LEU A 189 -9.28 18.17 -13.96
C LEU A 189 -10.33 18.21 -12.89
N ASN A 190 -11.50 18.73 -13.23
CA ASN A 190 -12.63 18.83 -12.30
C ASN A 190 -13.92 18.97 -13.09
N SER A 191 -15.05 19.07 -12.39
CA SER A 191 -16.35 19.14 -13.05
C SER A 191 -16.60 20.45 -13.79
N HIS A 192 -15.96 21.56 -13.38
CA HIS A 192 -16.07 22.81 -14.13
C HIS A 192 -15.45 22.68 -15.52
N ASN A 193 -14.42 21.84 -15.64
CA ASN A 193 -13.61 21.71 -16.88
C ASN A 193 -13.95 20.49 -17.74
N ILE A 194 -15.08 19.86 -17.43
CA ILE A 194 -15.68 18.85 -18.31
C ILE A 194 -16.95 19.46 -18.89
N LEU A 195 -17.00 19.60 -20.20
CA LEU A 195 -18.10 20.31 -20.85
C LEU A 195 -19.00 19.31 -21.55
N LEU A 196 -20.27 19.68 -21.76
CA LEU A 196 -21.29 18.73 -22.23
C LEU A 196 -22.05 19.16 -23.48
N TYR A 197 -21.96 18.37 -24.55
CA TYR A 197 -22.81 18.56 -25.71
C TYR A 197 -24.20 18.05 -25.35
N GLU A 198 -25.23 18.55 -26.03
CA GLU A 198 -26.60 18.09 -25.76
C GLU A 198 -26.87 16.64 -26.19
N ASP A 199 -26.07 16.10 -27.10
CA ASP A 199 -26.19 14.67 -27.45
C ASP A 199 -25.64 13.72 -26.35
N GLY A 200 -25.09 14.31 -25.27
CA GLY A 200 -24.75 13.55 -24.07
C GLY A 200 -23.27 13.22 -23.94
N HIS A 201 -22.49 13.56 -24.96
CA HIS A 201 -21.03 13.40 -24.94
C HIS A 201 -20.30 14.57 -24.26
N ALA A 202 -19.02 14.39 -23.95
CA ALA A 202 -18.28 15.36 -23.15
C ALA A 202 -16.89 15.61 -23.68
N VAL A 203 -16.30 16.72 -23.26
CA VAL A 203 -14.92 17.03 -23.61
C VAL A 203 -14.24 17.64 -22.43
N VAL A 204 -12.93 17.41 -22.36
CA VAL A 204 -12.07 18.01 -21.38
C VAL A 204 -11.71 19.40 -21.91
N ALA A 205 -11.77 20.40 -21.05
CA ALA A 205 -11.48 21.77 -21.48
C ALA A 205 -10.57 22.47 -20.48
N ASP A 206 -10.18 23.69 -20.83
CA ASP A 206 -9.28 24.52 -20.03
C ASP A 206 -7.92 23.89 -19.76
N PHE A 207 -6.97 24.19 -20.65
CA PHE A 207 -5.61 23.67 -20.55
C PHE A 207 -4.66 24.70 -19.92
N GLY A 208 -5.22 25.57 -19.09
CA GLY A 208 -4.45 26.66 -18.49
C GLY A 208 -3.42 26.24 -17.47
N GLU A 209 -3.63 25.10 -16.83
CA GLU A 209 -2.65 24.56 -15.91
C GLU A 209 -1.85 23.42 -16.56
N SER A 210 -2.17 23.07 -17.80
CA SER A 210 -1.44 22.00 -18.46
C SER A 210 0.06 22.26 -18.74
N ARG A 211 0.81 21.16 -18.77
CA ARG A 211 2.23 21.15 -19.03
C ARG A 211 2.52 19.94 -19.92
N PHE A 212 3.55 20.04 -20.74
CA PHE A 212 4.16 18.85 -21.35
C PHE A 212 4.92 18.08 -20.28
N LEU A 213 4.60 16.80 -20.10
CA LEU A 213 5.30 15.95 -19.13
C LEU A 213 6.80 15.87 -19.47
N GLN A 214 7.64 15.99 -18.45
CA GLN A 214 9.10 16.11 -18.67
C GLN A 214 9.75 14.82 -19.22
N GLY A 226 17.72 12.87 0.11
CA GLY A 226 17.52 11.88 1.18
C GLY A 226 17.92 12.39 2.55
N ASN A 227 18.12 11.52 3.54
CA ASN A 227 17.75 10.09 3.45
C ASN A 227 16.26 9.91 3.71
N LEU A 228 15.67 9.04 2.91
CA LEU A 228 14.23 8.90 2.80
C LEU A 228 13.61 8.14 3.95
N ARG A 229 14.38 7.23 4.50
CA ARG A 229 13.90 6.37 5.57
C ARG A 229 13.37 7.16 6.77
N TRP A 230 13.95 8.34 7.01
CA TRP A 230 13.56 9.15 8.16
C TRP A 230 12.65 10.32 7.81
N MET A 231 12.32 10.52 6.53
CA MET A 231 11.48 11.65 6.11
C MET A 231 10.04 11.57 6.56
N ALA A 232 9.43 12.73 6.75
CA ALA A 232 8.01 12.86 6.97
C ALA A 232 7.29 12.62 5.66
N PRO A 233 6.16 11.89 5.69
CA PRO A 233 5.41 11.59 4.47
C PRO A 233 5.09 12.80 3.61
N GLU A 234 4.73 13.93 4.21
CA GLU A 234 4.52 15.16 3.44
C GLU A 234 5.80 15.81 2.88
N VAL A 235 6.97 15.25 3.19
CA VAL A 235 8.22 15.71 2.58
C VAL A 235 8.65 14.71 1.51
N PHE A 236 8.59 13.42 1.82
CA PHE A 236 8.81 12.38 0.82
C PHE A 236 8.03 12.65 -0.48
N THR A 237 6.83 13.19 -0.31
CA THR A 237 5.93 13.45 -1.40
C THR A 237 6.32 14.73 -2.14
N GLN A 238 6.98 15.66 -1.45
CA GLN A 238 7.59 16.83 -2.10
C GLN A 238 8.84 16.52 -2.95
N CYS A 239 9.29 15.27 -2.95
CA CYS A 239 10.44 14.83 -3.74
C CYS A 239 10.08 14.28 -5.12
N THR A 240 8.83 13.86 -5.30
CA THR A 240 8.31 13.42 -6.60
C THR A 240 7.57 14.56 -7.28
N ARG A 241 7.63 14.63 -8.62
CA ARG A 241 6.94 15.68 -9.36
C ARG A 241 5.52 15.24 -9.77
N TYR A 242 4.74 16.19 -10.31
CA TYR A 242 3.41 15.92 -10.87
C TYR A 242 3.46 14.90 -12.05
N THR A 243 3.09 13.64 -11.79
CA THR A 243 3.04 12.61 -12.84
C THR A 243 1.65 12.52 -13.50
N ILE A 244 1.52 11.67 -14.52
CA ILE A 244 0.20 11.41 -15.14
C ILE A 244 -0.83 10.89 -14.14
N LYS A 245 -0.36 10.16 -13.15
CA LYS A 245 -1.23 9.50 -12.17
C LYS A 245 -1.93 10.49 -11.25
N ALA A 246 -1.48 11.73 -11.20
CA ALA A 246 -2.20 12.75 -10.49
C ALA A 246 -3.53 13.12 -11.18
N ASP A 247 -3.61 13.00 -12.50
CA ASP A 247 -4.88 13.27 -13.20
C ASP A 247 -5.86 12.15 -12.94
N VAL A 248 -5.34 10.94 -12.85
CA VAL A 248 -6.19 9.77 -12.61
C VAL A 248 -6.93 9.97 -11.28
N PHE A 249 -6.18 10.40 -10.27
CA PHE A 249 -6.75 10.74 -8.99
C PHE A 249 -7.87 11.77 -9.14
N SER A 250 -7.58 12.85 -9.84
CA SER A 250 -8.58 13.88 -10.04
C SER A 250 -9.79 13.31 -10.76
N TYR A 251 -9.55 12.45 -11.74
CA TYR A 251 -10.65 11.82 -12.47
C TYR A 251 -11.54 10.97 -11.56
N ALA A 252 -10.91 10.23 -10.67
CA ALA A 252 -11.63 9.43 -9.69
C ALA A 252 -12.70 10.23 -8.97
N LEU A 253 -12.34 11.42 -8.50
CA LEU A 253 -13.31 12.25 -7.76
C LEU A 253 -14.44 12.66 -8.70
N CYS A 254 -14.08 13.04 -9.93
CA CYS A 254 -15.09 13.34 -10.94
C CYS A 254 -16.04 12.15 -11.17
N LEU A 255 -15.50 10.94 -11.16
CA LEU A 255 -16.33 9.77 -11.36
C LEU A 255 -17.30 9.56 -10.18
N TRP A 256 -16.80 9.77 -8.96
CA TRP A 256 -17.66 9.73 -7.77
C TRP A 256 -18.71 10.83 -7.83
N GLU A 257 -18.24 12.03 -8.17
CA GLU A 257 -19.09 13.20 -8.33
C GLU A 257 -20.24 12.91 -9.29
N ILE A 258 -19.92 12.32 -10.44
CA ILE A 258 -20.91 11.94 -11.43
C ILE A 258 -21.93 10.95 -10.87
N LEU A 259 -21.46 9.90 -10.22
CA LEU A 259 -22.33 8.87 -9.70
C LEU A 259 -23.29 9.31 -8.60
N THR A 260 -22.82 10.16 -7.68
CA THR A 260 -23.62 10.61 -6.55
C THR A 260 -24.33 11.95 -6.79
N GLY A 261 -23.84 12.73 -7.74
CA GLY A 261 -24.35 14.08 -7.95
C GLY A 261 -23.83 15.09 -6.95
N GLU A 262 -22.94 14.68 -6.04
CA GLU A 262 -22.45 15.54 -4.97
C GLU A 262 -21.03 16.01 -5.24
N ILE A 263 -20.75 17.24 -4.85
CA ILE A 263 -19.42 17.78 -4.91
C ILE A 263 -18.59 17.01 -3.88
N PRO A 264 -17.37 16.60 -4.23
CA PRO A 264 -16.58 15.85 -3.24
C PRO A 264 -16.43 16.66 -1.95
N PHE A 265 -16.66 16.06 -0.80
CA PHE A 265 -16.55 16.79 0.46
C PHE A 265 -17.33 18.13 0.44
N ALA A 266 -18.58 18.06 -0.02
CA ALA A 266 -19.41 19.25 -0.28
C ALA A 266 -19.40 20.24 0.87
N HIS A 267 -19.47 19.70 2.08
CA HIS A 267 -19.59 20.46 3.32
C HIS A 267 -18.29 21.09 3.86
N LEU A 268 -17.15 20.82 3.22
CA LEU A 268 -15.86 21.38 3.64
C LEU A 268 -15.38 22.34 2.58
N LYS A 269 -14.51 23.25 2.99
CA LYS A 269 -13.87 24.14 2.05
C LYS A 269 -12.74 23.38 1.36
N PRO A 270 -12.41 23.78 0.13
CA PRO A 270 -11.43 23.02 -0.67
C PRO A 270 -10.18 22.58 0.11
N ALA A 271 -9.54 23.52 0.79
CA ALA A 271 -8.27 23.23 1.49
C ALA A 271 -8.42 22.19 2.61
N ALA A 272 -9.62 22.10 3.17
CA ALA A 272 -9.92 21.13 4.22
C ALA A 272 -10.17 19.77 3.61
N ALA A 273 -10.85 19.77 2.47
CA ALA A 273 -11.04 18.53 1.72
C ALA A 273 -9.67 17.96 1.30
N ASP A 274 -8.83 18.80 0.69
CA ASP A 274 -7.47 18.40 0.34
C ASP A 274 -6.74 17.84 1.56
N MET A 275 -6.84 18.55 2.67
CA MET A 275 -6.18 18.15 3.89
C MET A 275 -6.66 16.76 4.36
N ASP A 276 -7.98 16.57 4.44
CA ASP A 276 -8.53 15.29 4.88
C ASP A 276 -8.08 14.15 3.98
N MET A 277 -8.02 14.42 2.70
CA MET A 277 -7.59 13.42 1.71
C MET A 277 -6.09 13.06 1.86
N ALA A 278 -5.26 14.06 2.12
CA ALA A 278 -3.80 13.88 2.13
C ALA A 278 -3.30 13.33 3.47
N TYR A 279 -3.62 14.03 4.55
CA TYR A 279 -3.08 13.71 5.86
C TYR A 279 -3.87 12.62 6.61
N HIS A 280 -5.19 12.63 6.48
CA HIS A 280 -6.03 11.65 7.17
C HIS A 280 -6.41 10.46 6.29
N HIS A 281 -6.13 10.56 4.98
CA HIS A 281 -6.43 9.49 4.02
C HIS A 281 -7.93 9.18 3.87
N ILE A 282 -8.77 10.22 4.02
CA ILE A 282 -10.21 10.07 3.89
C ILE A 282 -10.64 10.24 2.43
N ARG A 283 -11.66 9.48 2.01
CA ARG A 283 -12.24 9.56 0.67
C ARG A 283 -13.74 9.75 0.76
N PRO A 284 -14.36 10.31 -0.29
CA PRO A 284 -15.81 10.32 -0.31
C PRO A 284 -16.39 8.91 -0.09
N PRO A 285 -17.48 8.80 0.66
CA PRO A 285 -18.05 7.52 0.97
C PRO A 285 -18.47 6.78 -0.29
N ILE A 286 -18.24 5.48 -0.32
CA ILE A 286 -18.65 4.64 -1.45
C ILE A 286 -19.84 3.79 -1.02
N GLY A 287 -21.04 4.24 -1.37
CA GLY A 287 -22.26 3.56 -0.96
C GLY A 287 -22.35 2.17 -1.56
N TYR A 288 -23.21 1.33 -0.98
CA TYR A 288 -23.45 0.00 -1.52
C TYR A 288 -24.14 0.02 -2.90
N SER A 289 -24.89 1.10 -3.19
CA SER A 289 -25.62 1.24 -4.45
C SER A 289 -24.74 1.31 -5.72
N ILE A 290 -23.51 1.79 -5.58
CA ILE A 290 -22.56 1.92 -6.70
C ILE A 290 -22.08 0.57 -7.23
N PRO A 291 -22.14 0.35 -8.56
CA PRO A 291 -21.76 -0.97 -9.08
C PRO A 291 -20.31 -1.30 -8.82
N LYS A 292 -20.02 -2.58 -8.69
CA LYS A 292 -18.68 -3.04 -8.31
C LYS A 292 -17.55 -2.55 -9.22
N PRO A 293 -17.70 -2.72 -10.55
CA PRO A 293 -16.60 -2.31 -11.46
C PRO A 293 -16.22 -0.83 -11.35
N ILE A 294 -17.14 -0.02 -10.87
CA ILE A 294 -16.91 1.40 -10.72
C ILE A 294 -16.29 1.69 -9.36
N SER A 295 -16.80 1.05 -8.33
CA SER A 295 -16.18 1.16 -7.00
C SER A 295 -14.73 0.68 -7.03
N SER A 296 -14.46 -0.40 -7.78
CA SER A 296 -13.10 -0.88 -8.01
C SER A 296 -12.26 0.22 -8.64
N LEU A 297 -12.76 0.90 -9.66
CA LEU A 297 -12.01 2.01 -10.27
C LEU A 297 -11.78 3.16 -9.30
N LEU A 298 -12.75 3.44 -8.43
CA LEU A 298 -12.61 4.55 -7.49
C LEU A 298 -11.52 4.22 -6.50
N ILE A 299 -11.65 3.07 -5.84
CA ILE A 299 -10.71 2.65 -4.81
C ILE A 299 -9.26 2.69 -5.33
N ARG A 300 -9.06 2.29 -6.57
CA ARG A 300 -7.75 2.31 -7.17
C ARG A 300 -7.36 3.71 -7.68
N GLY A 301 -8.32 4.36 -8.30
CA GLY A 301 -8.05 5.66 -8.92
C GLY A 301 -7.60 6.70 -7.94
N TRP A 302 -8.10 6.63 -6.72
CA TRP A 302 -7.73 7.62 -5.72
C TRP A 302 -6.88 6.97 -4.61
N ASN A 303 -6.23 5.89 -4.96
CA ASN A 303 -5.19 5.28 -4.15
C ASN A 303 -4.18 6.36 -3.81
N ALA A 304 -3.78 6.40 -2.54
CA ALA A 304 -2.78 7.38 -2.09
C ALA A 304 -1.46 7.08 -2.76
N CYS A 305 -1.22 5.80 -3.04
CA CYS A 305 -0.07 5.36 -3.84
C CYS A 305 -0.30 5.60 -5.35
N PRO A 306 0.41 6.58 -5.95
CA PRO A 306 0.19 6.89 -7.38
C PRO A 306 0.41 5.67 -8.27
N GLU A 307 1.48 4.93 -7.99
CA GLU A 307 1.80 3.71 -8.72
C GLU A 307 0.64 2.70 -8.71
N GLY A 308 -0.31 2.84 -7.80
CA GLY A 308 -1.43 1.88 -7.70
C GLY A 308 -2.69 2.29 -8.44
N ARG A 309 -2.67 3.50 -8.98
CA ARG A 309 -3.80 4.01 -9.75
C ARG A 309 -3.66 3.49 -11.17
N PRO A 310 -4.78 3.11 -11.81
CA PRO A 310 -4.71 2.59 -13.17
C PRO A 310 -4.37 3.69 -14.20
N GLU A 311 -3.87 3.27 -15.37
CA GLU A 311 -3.65 4.14 -16.52
C GLU A 311 -5.02 4.38 -17.11
N PHE A 312 -5.17 5.48 -17.83
CA PHE A 312 -6.47 5.78 -18.43
C PHE A 312 -6.95 4.78 -19.46
N SER A 313 -6.02 4.15 -20.16
CA SER A 313 -6.40 3.14 -21.15
C SER A 313 -7.17 2.02 -20.47
N GLU A 314 -6.78 1.72 -19.25
CA GLU A 314 -7.45 0.70 -18.47
C GLU A 314 -8.79 1.22 -17.97
N VAL A 315 -8.82 2.46 -17.50
CA VAL A 315 -10.08 3.10 -17.10
C VAL A 315 -11.05 3.03 -18.26
N VAL A 316 -10.60 3.42 -19.45
CA VAL A 316 -11.47 3.39 -20.62
C VAL A 316 -12.02 1.97 -20.82
N MET A 317 -11.13 0.99 -20.89
CA MET A 317 -11.43 -0.45 -21.07
C MET A 317 -12.50 -0.95 -20.10
N LYS A 318 -12.39 -0.57 -18.84
CA LYS A 318 -13.32 -1.04 -17.83
C LYS A 318 -14.69 -0.40 -17.96
N LEU A 319 -14.71 0.87 -18.30
CA LEU A 319 -15.96 1.60 -18.42
C LEU A 319 -16.71 1.18 -19.68
N GLU A 320 -15.97 0.94 -20.75
CA GLU A 320 -16.56 0.38 -21.97
C GLU A 320 -17.27 -0.95 -21.70
N GLU A 321 -16.66 -1.83 -20.93
CA GLU A 321 -17.30 -3.09 -20.52
C GLU A 321 -18.64 -2.87 -19.85
N CYS A 322 -18.69 -1.96 -18.89
CA CYS A 322 -19.94 -1.61 -18.18
C CYS A 322 -21.03 -1.12 -19.11
N LEU A 323 -20.67 -0.32 -20.10
CA LEU A 323 -21.63 0.10 -21.09
C LEU A 323 -22.19 -1.08 -21.88
N CYS A 324 -21.40 -2.14 -22.06
CA CYS A 324 -21.90 -3.37 -22.71
C CYS A 324 -22.84 -4.21 -21.85
N ASN A 325 -22.79 -4.05 -20.53
CA ASN A 325 -23.76 -4.68 -19.60
C ASN A 325 -24.94 -3.78 -19.24
N ILE A 326 -24.72 -2.46 -19.20
CA ILE A 326 -25.69 -1.45 -18.71
C ILE A 326 -27.11 -1.67 -19.22
N GLY B 51 27.19 40.11 5.04
CA GLY B 51 26.35 39.93 6.28
C GLY B 51 26.60 38.73 7.20
N LEU B 52 27.55 37.84 6.88
CA LEU B 52 28.11 36.92 7.87
C LEU B 52 29.04 37.72 8.76
N PRO B 53 28.75 37.80 10.07
CA PRO B 53 29.64 38.58 10.91
C PRO B 53 31.11 38.28 10.63
N SER B 54 31.93 39.32 10.60
CA SER B 54 33.31 39.18 10.13
C SER B 54 34.18 38.30 11.04
N HIS B 55 33.83 38.14 12.31
CA HIS B 55 34.58 37.23 13.17
C HIS B 55 34.52 35.77 12.70
N PHE B 56 33.40 35.39 12.06
CA PHE B 56 33.22 34.05 11.47
C PHE B 56 33.93 33.81 10.14
N HIS B 57 34.42 34.87 9.49
CA HIS B 57 35.22 34.68 8.27
C HIS B 57 36.51 33.95 8.59
N LEU B 58 36.93 33.09 7.66
CA LEU B 58 38.14 32.28 7.83
C LEU B 58 38.98 32.32 6.58
N GLN B 59 40.29 32.52 6.79
CA GLN B 59 41.29 32.24 5.76
C GLN B 59 41.66 30.77 5.80
N LEU B 60 41.84 30.17 4.63
CA LEU B 60 42.26 28.75 4.55
C LEU B 60 43.54 28.51 5.36
N SER B 61 44.44 29.49 5.40
CA SER B 61 45.65 29.40 6.24
C SER B 61 45.37 29.18 7.74
N GLU B 62 44.15 29.44 8.21
CA GLU B 62 43.79 29.18 9.61
C GLU B 62 43.36 27.74 9.86
N ILE B 63 43.27 26.93 8.80
CA ILE B 63 42.86 25.53 8.92
C ILE B 63 43.99 24.55 8.66
N GLU B 64 44.25 23.69 9.64
CA GLU B 64 45.13 22.53 9.44
C GLU B 64 44.26 21.34 9.06
N PHE B 65 44.44 20.84 7.84
CA PHE B 65 43.71 19.66 7.41
C PHE B 65 44.43 18.39 7.81
N HIS B 66 43.69 17.47 8.43
CA HIS B 66 44.20 16.15 8.75
C HIS B 66 43.41 15.10 7.94
N GLU B 67 42.92 14.05 8.58
CA GLU B 67 42.41 12.90 7.84
C GLU B 67 41.02 13.18 7.28
N ILE B 68 40.70 12.54 6.17
CA ILE B 68 39.36 12.63 5.63
C ILE B 68 38.46 11.79 6.50
N ILE B 69 37.23 12.22 6.73
CA ILE B 69 36.30 11.51 7.62
C ILE B 69 34.92 11.29 7.03
N GLY B 70 34.69 11.84 5.84
CA GLY B 70 33.39 11.77 5.19
C GLY B 70 33.54 12.24 3.75
N SER B 71 32.51 11.96 2.95
CA SER B 71 32.60 12.26 1.52
C SER B 71 31.22 12.24 0.85
N GLY B 72 31.11 12.94 -0.28
CA GLY B 72 29.86 12.96 -1.05
C GLY B 72 29.84 13.84 -2.28
N SER B 73 28.63 14.16 -2.76
CA SER B 73 28.43 15.01 -3.94
C SER B 73 29.13 16.36 -3.76
N PHE B 74 28.75 17.05 -2.69
CA PHE B 74 29.33 18.35 -2.28
C PHE B 74 30.87 18.45 -2.32
N GLY B 75 31.53 17.38 -1.89
CA GLY B 75 32.98 17.38 -1.70
C GLY B 75 33.37 16.44 -0.56
N LYS B 76 34.27 16.90 0.32
CA LYS B 76 34.77 16.08 1.42
C LYS B 76 34.69 16.74 2.80
N VAL B 77 34.52 15.92 3.84
CA VAL B 77 34.62 16.35 5.21
C VAL B 77 35.96 15.87 5.78
N TYR B 78 36.69 16.76 6.44
CA TYR B 78 37.99 16.46 7.03
C TYR B 78 37.95 16.66 8.53
N LYS B 79 38.77 15.90 9.25
CA LYS B 79 39.10 16.26 10.62
C LYS B 79 40.26 17.20 10.49
N GLY B 80 40.32 18.16 11.40
CA GLY B 80 41.39 19.13 11.39
C GLY B 80 41.50 19.92 12.67
N ARG B 81 42.18 21.05 12.56
CA ARG B 81 42.48 21.91 13.69
C ARG B 81 42.30 23.35 13.20
N CYS B 82 41.61 24.15 14.01
CA CYS B 82 41.34 25.56 13.65
C CYS B 82 41.05 26.35 14.91
N ARG B 83 41.68 27.52 15.01
CA ARG B 83 41.54 28.43 16.15
C ARG B 83 41.64 27.69 17.45
N ASN B 84 42.71 26.91 17.55
CA ASN B 84 43.07 26.20 18.75
C ASN B 84 41.98 25.21 19.22
N LYS B 85 41.25 24.64 18.24
CA LYS B 85 40.24 23.59 18.47
C LYS B 85 40.41 22.42 17.49
N ILE B 86 39.92 21.26 17.88
CA ILE B 86 39.78 20.15 16.93
C ILE B 86 38.45 20.37 16.23
N VAL B 87 38.44 20.28 14.90
CA VAL B 87 37.29 20.67 14.10
C VAL B 87 36.95 19.66 13.00
N ALA B 88 35.69 19.71 12.52
CA ALA B 88 35.27 19.07 11.27
C ALA B 88 35.13 20.16 10.22
N ILE B 89 35.74 19.95 9.06
CA ILE B 89 35.69 20.94 8.00
C ILE B 89 34.99 20.34 6.81
N LYS B 90 33.86 20.92 6.41
CA LYS B 90 33.16 20.48 5.21
C LYS B 90 33.66 21.27 4.01
N ARG B 91 34.56 20.69 3.21
CA ARG B 91 35.15 21.37 2.03
C ARG B 91 34.30 21.16 0.76
N TYR B 92 34.18 22.21 -0.07
CA TYR B 92 33.45 22.09 -1.35
C TYR B 92 34.41 21.90 -2.55
N ARG B 93 33.86 21.51 -3.71
CA ARG B 93 34.67 21.16 -4.91
C ARG B 93 35.69 22.23 -5.33
N SER B 101 23.14 28.15 -8.11
CA SER B 101 22.40 27.00 -7.60
C SER B 101 23.10 26.34 -6.42
N ASP B 102 24.38 26.01 -6.62
CA ASP B 102 25.21 25.40 -5.56
C ASP B 102 25.72 26.41 -4.54
N VAL B 103 25.88 27.65 -4.98
CA VAL B 103 26.33 28.75 -4.14
C VAL B 103 25.20 29.23 -3.20
N ASP B 104 23.96 29.25 -3.69
CA ASP B 104 22.81 29.59 -2.84
C ASP B 104 22.65 28.63 -1.66
N MET B 105 22.91 27.35 -1.90
CA MET B 105 22.80 26.34 -0.85
C MET B 105 23.90 26.46 0.21
N PHE B 106 25.11 26.76 -0.24
CA PHE B 106 26.22 27.06 0.68
C PHE B 106 25.93 28.31 1.53
N CYS B 107 25.33 29.32 0.93
CA CYS B 107 25.05 30.58 1.62
C CYS B 107 23.95 30.44 2.64
N ARG B 108 22.95 29.63 2.30
CA ARG B 108 21.87 29.29 3.22
C ARG B 108 22.45 28.59 4.44
N GLU B 109 23.19 27.51 4.20
CA GLU B 109 23.76 26.71 5.29
C GLU B 109 24.54 27.57 6.29
N VAL B 110 25.42 28.43 5.76
CA VAL B 110 26.20 29.38 6.55
C VAL B 110 25.31 30.37 7.31
N SER B 111 24.27 30.87 6.67
CA SER B 111 23.33 31.83 7.28
C SER B 111 22.70 31.23 8.49
N ILE B 112 22.47 29.93 8.41
CA ILE B 112 21.83 29.18 9.46
C ILE B 112 22.83 28.79 10.55
N LEU B 113 24.00 28.29 10.14
CA LEU B 113 25.01 27.89 11.11
C LEU B 113 25.47 29.04 12.00
N CYS B 114 25.46 30.28 11.49
CA CYS B 114 25.93 31.41 12.29
C CYS B 114 24.91 31.90 13.30
N GLN B 115 23.68 31.41 13.22
CA GLN B 115 22.64 31.65 14.25
C GLN B 115 22.73 30.69 15.45
N LEU B 116 23.45 29.59 15.31
CA LEU B 116 23.38 28.52 16.29
C LEU B 116 24.23 28.77 17.51
N ASN B 117 23.59 28.62 18.66
CA ASN B 117 24.27 28.65 19.94
C ASN B 117 23.47 27.93 21.00
N HIS B 118 23.72 26.63 21.15
CA HIS B 118 23.01 25.82 22.13
C HIS B 118 23.85 24.56 22.34
N PRO B 119 23.89 24.03 23.55
CA PRO B 119 24.80 22.90 23.81
C PRO B 119 24.42 21.58 23.08
N CYS B 120 23.16 21.50 22.67
CA CYS B 120 22.62 20.33 21.98
C CYS B 120 22.56 20.49 20.47
N VAL B 121 23.26 21.50 19.96
CA VAL B 121 23.30 21.78 18.53
C VAL B 121 24.76 22.02 18.17
N ILE B 122 25.13 21.67 16.95
CA ILE B 122 26.52 21.74 16.52
C ILE B 122 27.07 23.15 16.69
N GLN B 123 28.34 23.27 17.09
CA GLN B 123 29.00 24.55 17.34
C GLN B 123 29.73 25.04 16.10
N PHE B 124 29.29 26.18 15.58
CA PHE B 124 29.90 26.78 14.40
C PHE B 124 31.22 27.50 14.75
N VAL B 125 32.23 27.38 13.89
CA VAL B 125 33.52 28.05 14.08
C VAL B 125 33.72 29.15 13.04
N GLY B 126 33.31 28.87 11.80
CA GLY B 126 33.45 29.82 10.72
C GLY B 126 33.29 29.22 9.34
N ALA B 127 33.40 30.09 8.34
CA ALA B 127 33.39 29.65 6.96
C ALA B 127 34.42 30.44 6.18
N CYS B 128 34.97 29.84 5.13
CA CYS B 128 35.87 30.54 4.21
CA CYS B 128 35.87 30.53 4.22
C CYS B 128 35.10 30.94 2.97
N LEU B 129 35.11 32.24 2.66
CA LEU B 129 34.35 32.80 1.54
C LEU B 129 35.23 33.41 0.42
N ASN B 130 36.55 33.43 0.60
CA ASN B 130 37.46 34.07 -0.36
C ASN B 130 37.16 33.91 -1.85
N ASP B 131 36.92 32.68 -2.29
CA ASP B 131 36.53 32.41 -3.69
C ASP B 131 35.77 31.08 -3.80
N PRO B 132 35.11 30.83 -4.94
CA PRO B 132 34.26 29.63 -5.07
C PRO B 132 34.97 28.28 -4.86
N SER B 133 36.23 28.18 -5.27
CA SER B 133 36.99 26.92 -5.15
C SER B 133 37.55 26.67 -3.73
N GLN B 134 37.48 27.67 -2.87
CA GLN B 134 37.97 27.59 -1.49
C GLN B 134 36.86 27.47 -0.43
N PHE B 135 35.62 27.22 -0.84
CA PHE B 135 34.53 27.20 0.12
C PHE B 135 34.72 26.10 1.16
N ALA B 136 34.37 26.42 2.41
CA ALA B 136 34.51 25.51 3.56
C ALA B 136 33.68 25.97 4.74
N ILE B 137 33.10 25.00 5.45
CA ILE B 137 32.37 25.22 6.68
C ILE B 137 33.05 24.49 7.85
N VAL B 138 33.41 25.22 8.90
CA VAL B 138 34.13 24.65 10.03
C VAL B 138 33.25 24.59 11.27
N THR B 139 33.22 23.41 11.89
CA THR B 139 32.52 23.21 13.17
C THR B 139 33.41 22.44 14.13
N GLN B 140 33.04 22.47 15.41
CA GLN B 140 33.69 21.64 16.41
C GLN B 140 33.64 20.18 15.96
N TYR B 141 34.71 19.45 16.24
CA TYR B 141 34.75 18.02 16.03
C TYR B 141 34.18 17.32 17.26
N ILE B 142 33.33 16.33 17.04
CA ILE B 142 32.71 15.58 18.12
C ILE B 142 33.20 14.13 17.99
N SER B 143 33.96 13.69 19.00
CA SER B 143 34.82 12.51 18.85
C SER B 143 34.11 11.18 19.05
N GLY B 144 32.93 11.20 19.70
CA GLY B 144 32.19 9.95 20.00
C GLY B 144 31.46 9.26 18.84
N GLY B 145 31.42 9.89 17.67
CA GLY B 145 30.84 9.25 16.47
C GLY B 145 29.36 9.53 16.31
N SER B 146 28.78 9.04 15.22
CA SER B 146 27.34 9.19 15.02
C SER B 146 26.55 8.21 15.88
N LEU B 147 25.33 8.58 16.24
CA LEU B 147 24.41 7.66 16.88
C LEU B 147 24.16 6.43 16.04
N PHE B 148 24.09 6.61 14.71
CA PHE B 148 23.92 5.49 13.78
C PHE B 148 24.97 4.40 14.02
N SER B 149 26.26 4.78 14.06
CA SER B 149 27.34 3.80 14.27
C SER B 149 27.19 3.04 15.58
N LEU B 150 26.92 3.77 16.65
CA LEU B 150 26.79 3.21 17.98
C LEU B 150 25.74 2.10 18.03
N LEU B 151 24.56 2.39 17.50
CA LEU B 151 23.46 1.44 17.51
C LEU B 151 23.61 0.30 16.50
N HIS B 152 23.98 0.61 15.26
CA HIS B 152 23.91 -0.37 14.18
C HIS B 152 25.23 -1.01 13.74
N GLU B 153 26.34 -0.27 13.86
CA GLU B 153 27.64 -0.79 13.45
C GLU B 153 28.44 -1.35 14.66
N GLN B 154 28.65 -0.54 15.70
CA GLN B 154 29.33 -0.99 16.94
C GLN B 154 28.44 -1.91 17.78
N LYS B 155 27.13 -1.65 17.76
CA LYS B 155 26.15 -2.39 18.56
C LYS B 155 26.44 -2.38 20.06
N ARG B 156 26.96 -1.25 20.55
CA ARG B 156 27.16 -1.01 21.97
C ARG B 156 25.79 -1.18 22.64
N ILE B 157 25.72 -2.04 23.68
CA ILE B 157 24.47 -2.26 24.43
C ILE B 157 24.28 -1.11 25.41
N LEU B 158 23.15 -0.44 25.34
CA LEU B 158 22.90 0.75 26.13
C LEU B 158 21.84 0.52 27.20
N ASP B 159 22.07 1.07 28.39
CA ASP B 159 21.05 1.07 29.43
C ASP B 159 19.99 2.12 29.09
N LEU B 160 18.78 1.99 29.62
CA LEU B 160 17.68 2.91 29.30
C LEU B 160 17.98 4.38 29.62
N GLN B 161 18.75 4.63 30.67
CA GLN B 161 19.12 6.00 31.02
C GLN B 161 20.00 6.68 29.93
N SER B 162 20.95 5.94 29.36
CA SER B 162 21.81 6.43 28.28
C SER B 162 21.03 6.80 27.03
N LYS B 163 20.01 5.99 26.75
CA LYS B 163 19.14 6.18 25.61
C LYS B 163 18.33 7.46 25.78
N LEU B 164 17.80 7.67 26.96
CA LEU B 164 16.96 8.82 27.18
C LEU B 164 17.77 10.10 27.20
N ILE B 165 19.00 10.05 27.68
CA ILE B 165 19.87 11.22 27.71
C ILE B 165 20.05 11.70 26.29
N ILE B 166 20.34 10.76 25.38
CA ILE B 166 20.51 11.06 23.96
C ILE B 166 19.25 11.67 23.36
N ALA B 167 18.13 11.00 23.56
CA ALA B 167 16.88 11.41 22.98
C ALA B 167 16.45 12.77 23.51
N VAL B 168 16.72 13.04 24.76
CA VAL B 168 16.38 14.31 25.38
C VAL B 168 17.27 15.43 24.86
N ASP B 169 18.57 15.14 24.75
CA ASP B 169 19.52 16.09 24.18
C ASP B 169 19.10 16.47 22.75
N VAL B 170 18.65 15.48 21.98
CA VAL B 170 18.21 15.74 20.62
C VAL B 170 16.92 16.58 20.68
N ALA B 171 15.98 16.19 21.53
CA ALA B 171 14.72 16.92 21.64
C ALA B 171 14.91 18.37 22.06
N LYS B 172 15.92 18.61 22.88
CA LYS B 172 16.26 19.96 23.34
C LYS B 172 16.86 20.81 22.24
N GLY B 173 17.82 20.23 21.52
CA GLY B 173 18.37 20.88 20.35
C GLY B 173 17.28 21.30 19.38
N MET B 174 16.34 20.40 19.16
CA MET B 174 15.27 20.64 18.19
C MET B 174 14.30 21.69 18.71
N GLU B 175 13.96 21.62 20.00
CA GLU B 175 13.15 22.65 20.64
C GLU B 175 13.82 24.01 20.43
N TYR B 176 15.12 24.07 20.68
CA TYR B 176 15.88 25.30 20.49
C TYR B 176 15.68 25.83 19.10
N LEU B 177 15.92 24.99 18.08
CA LEU B 177 15.84 25.44 16.69
C LEU B 177 14.45 25.99 16.36
N HIS B 178 13.43 25.25 16.78
CA HIS B 178 12.03 25.58 16.44
C HIS B 178 11.49 26.83 17.11
N ASN B 179 12.17 27.32 18.14
CA ASN B 179 11.66 28.43 18.92
C ASN B 179 12.51 29.69 18.87
N LEU B 180 13.48 29.73 17.96
CA LEU B 180 14.17 30.98 17.64
C LEU B 180 13.16 32.00 17.07
N THR B 181 13.55 33.27 17.04
CA THR B 181 12.74 34.35 16.45
C THR B 181 12.41 34.04 15.00
N GLN B 182 13.43 33.61 14.26
CA GLN B 182 13.27 33.10 12.92
C GLN B 182 13.57 31.59 12.97
N PRO B 183 12.53 30.75 13.19
CA PRO B 183 12.68 29.31 13.41
C PRO B 183 13.42 28.58 12.31
N ILE B 184 14.12 27.52 12.68
CA ILE B 184 14.91 26.74 11.73
C ILE B 184 14.39 25.31 11.67
N ILE B 185 14.20 24.80 10.45
CA ILE B 185 13.80 23.40 10.24
C ILE B 185 15.02 22.63 9.79
N HIS B 186 15.41 21.59 10.51
CA HIS B 186 16.59 20.82 10.15
C HIS B 186 16.43 20.12 8.79
N ARG B 187 15.29 19.44 8.62
CA ARG B 187 14.88 18.72 7.38
C ARG B 187 15.63 17.44 7.03
N ASP B 188 16.57 17.04 7.86
CA ASP B 188 17.35 15.85 7.61
C ASP B 188 17.74 15.15 8.90
N LEU B 189 16.89 15.25 9.91
CA LEU B 189 17.19 14.68 11.19
C LEU B 189 17.16 13.15 11.11
N ASN B 190 18.28 12.52 11.43
CA ASN B 190 18.37 11.08 11.48
C ASN B 190 19.61 10.71 12.29
N SER B 191 19.80 9.42 12.55
CA SER B 191 20.91 8.98 13.38
C SER B 191 22.30 9.20 12.78
N HIS B 192 22.41 9.41 11.48
CA HIS B 192 23.71 9.82 10.91
C HIS B 192 24.07 11.26 11.32
N ASN B 193 23.05 12.07 11.59
CA ASN B 193 23.23 13.48 11.96
C ASN B 193 22.98 13.79 13.44
N ILE B 194 23.02 12.77 14.28
CA ILE B 194 23.12 12.97 15.70
C ILE B 194 24.49 12.45 16.07
N LEU B 195 25.35 13.35 16.51
CA LEU B 195 26.70 13.01 16.98
C LEU B 195 26.75 12.97 18.50
N LEU B 196 27.65 12.13 19.02
CA LEU B 196 27.75 11.90 20.47
C LEU B 196 29.12 12.26 21.06
N TYR B 197 29.11 12.99 22.18
CA TYR B 197 30.31 13.16 22.99
C TYR B 197 30.63 11.84 23.71
N GLU B 198 31.86 11.70 24.17
CA GLU B 198 32.28 10.47 24.86
C GLU B 198 31.53 10.25 26.18
N ASP B 199 31.04 11.34 26.79
CA ASP B 199 30.24 11.27 28.03
C ASP B 199 28.78 10.78 27.82
N GLY B 200 28.39 10.53 26.58
CA GLY B 200 27.04 10.07 26.30
C GLY B 200 26.02 11.17 26.00
N HIS B 201 26.41 12.44 26.05
CA HIS B 201 25.53 13.53 25.63
C HIS B 201 25.56 13.67 24.10
N ALA B 202 24.55 14.32 23.54
CA ALA B 202 24.35 14.32 22.10
C ALA B 202 24.03 15.70 21.53
N VAL B 203 24.42 15.91 20.27
CA VAL B 203 24.05 17.12 19.55
C VAL B 203 23.52 16.79 18.15
N VAL B 204 22.72 17.72 17.65
CA VAL B 204 22.21 17.68 16.29
C VAL B 204 23.24 18.34 15.37
N ALA B 205 23.61 17.63 14.32
CA ALA B 205 24.66 18.07 13.39
C ALA B 205 24.14 18.16 11.96
N ASP B 206 25.01 18.61 11.06
CA ASP B 206 24.76 18.62 9.61
C ASP B 206 23.50 19.38 9.15
N PHE B 207 23.66 20.68 8.94
CA PHE B 207 22.57 21.57 8.56
C PHE B 207 22.54 21.86 7.04
N GLY B 208 22.99 20.88 6.25
CA GLY B 208 23.03 21.01 4.79
C GLY B 208 21.70 21.07 4.09
N GLU B 209 20.67 20.49 4.68
CA GLU B 209 19.32 20.53 4.13
C GLU B 209 18.42 21.51 4.89
N SER B 210 19.01 22.31 5.79
CA SER B 210 18.21 23.14 6.68
C SER B 210 17.74 24.44 6.05
N ARG B 211 16.51 24.81 6.39
CA ARG B 211 15.82 25.98 5.84
C ARG B 211 15.24 26.81 7.00
N PHE B 212 15.20 28.13 6.80
CA PHE B 212 14.46 29.02 7.70
C PHE B 212 12.96 28.85 7.43
N LEU B 213 12.17 28.69 8.50
CA LEU B 213 10.72 28.58 8.34
C LEU B 213 10.14 29.77 7.54
N GLN B 214 9.38 29.46 6.49
CA GLN B 214 8.66 30.46 5.69
C GLN B 214 7.47 31.01 6.48
N SER B 215 7.28 32.33 6.46
CA SER B 215 6.13 32.98 7.12
C SER B 215 4.91 33.01 6.19
N GLY B 226 -10.79 26.37 -5.36
CA GLY B 226 -11.52 25.55 -6.33
C GLY B 226 -10.84 24.22 -6.64
N ASN B 227 -9.68 24.29 -7.31
CA ASN B 227 -8.96 23.10 -7.71
C ASN B 227 -8.37 22.23 -6.59
N LEU B 228 -8.24 22.75 -5.37
CA LEU B 228 -7.72 21.95 -4.24
C LEU B 228 -8.63 20.77 -3.90
N ARG B 229 -9.93 20.96 -4.11
CA ARG B 229 -10.92 19.92 -3.82
C ARG B 229 -10.75 18.65 -4.67
N TRP B 230 -10.14 18.80 -5.84
CA TRP B 230 -9.94 17.72 -6.78
C TRP B 230 -8.44 17.35 -6.94
N MET B 231 -7.58 17.90 -6.11
CA MET B 231 -6.13 17.70 -6.22
C MET B 231 -5.68 16.37 -5.66
N ALA B 232 -4.76 15.73 -6.35
CA ALA B 232 -4.08 14.55 -5.80
C ALA B 232 -3.26 14.95 -4.56
N PRO B 233 -3.26 14.10 -3.52
CA PRO B 233 -2.52 14.36 -2.29
C PRO B 233 -1.06 14.73 -2.49
N GLU B 234 -0.39 14.08 -3.44
CA GLU B 234 1.03 14.36 -3.67
C GLU B 234 1.22 15.74 -4.31
N VAL B 235 0.19 16.21 -5.00
CA VAL B 235 0.23 17.55 -5.55
C VAL B 235 -0.07 18.58 -4.47
N PHE B 236 -1.09 18.32 -3.65
CA PHE B 236 -1.45 19.23 -2.54
C PHE B 236 -0.24 19.51 -1.66
N THR B 237 0.42 18.42 -1.29
CA THR B 237 1.64 18.46 -0.50
C THR B 237 2.75 19.34 -1.09
N GLN B 238 2.84 19.43 -2.42
CA GLN B 238 3.88 20.22 -3.06
C GLN B 238 3.61 21.73 -3.06
N CYS B 239 2.33 22.08 -3.11
CA CYS B 239 1.90 23.48 -3.04
CA CYS B 239 1.93 23.49 -3.03
C CYS B 239 1.78 23.94 -1.57
N THR B 240 2.00 23.04 -0.62
CA THR B 240 1.95 23.37 0.80
C THR B 240 3.36 23.63 1.34
N ARG B 241 3.44 24.56 2.29
CA ARG B 241 4.70 24.96 2.90
C ARG B 241 5.26 23.85 3.79
N TYR B 242 6.57 23.60 3.72
CA TYR B 242 7.27 22.65 4.64
C TYR B 242 7.37 23.19 6.10
N THR B 243 6.88 22.42 7.08
CA THR B 243 6.76 22.89 8.48
C THR B 243 7.72 22.24 9.49
N ILE B 244 7.73 22.78 10.71
CA ILE B 244 8.52 22.21 11.80
C ILE B 244 8.03 20.84 12.26
N LYS B 245 6.77 20.51 11.95
CA LYS B 245 6.22 19.23 12.37
C LYS B 245 6.81 18.06 11.57
N ALA B 246 7.44 18.34 10.43
CA ALA B 246 8.16 17.32 9.69
C ALA B 246 9.43 16.84 10.43
N ASP B 247 10.02 17.72 11.24
CA ASP B 247 11.17 17.36 12.06
C ASP B 247 10.74 16.42 13.20
N VAL B 248 9.53 16.64 13.71
CA VAL B 248 8.99 15.82 14.80
C VAL B 248 8.73 14.40 14.30
N PHE B 249 8.31 14.27 13.06
CA PHE B 249 8.12 12.96 12.49
C PHE B 249 9.45 12.22 12.50
N SER B 250 10.46 12.83 11.90
CA SER B 250 11.77 12.20 11.80
C SER B 250 12.32 11.86 13.16
N TYR B 251 12.11 12.75 14.12
CA TYR B 251 12.59 12.52 15.46
C TYR B 251 11.94 11.25 16.03
N ALA B 252 10.63 11.13 15.88
CA ALA B 252 9.87 9.95 16.33
C ALA B 252 10.56 8.65 15.89
N LEU B 253 10.95 8.60 14.63
CA LEU B 253 11.71 7.45 14.10
C LEU B 253 13.05 7.26 14.80
N CYS B 254 13.79 8.34 14.96
CA CYS B 254 15.02 8.28 15.76
C CYS B 254 14.74 7.76 17.18
N LEU B 255 13.62 8.16 17.77
CA LEU B 255 13.36 7.80 19.17
C LEU B 255 13.09 6.31 19.28
N TRP B 256 12.27 5.79 18.36
CA TRP B 256 12.07 4.35 18.21
C TRP B 256 13.40 3.64 17.98
N GLU B 257 14.19 4.22 17.08
CA GLU B 257 15.47 3.65 16.69
C GLU B 257 16.43 3.53 17.88
N ILE B 258 16.37 4.49 18.78
CA ILE B 258 17.20 4.50 19.98
C ILE B 258 16.78 3.38 20.94
N LEU B 259 15.48 3.21 21.14
CA LEU B 259 14.96 2.26 22.13
C LEU B 259 15.14 0.83 21.65
N THR B 260 14.76 0.54 20.41
CA THR B 260 14.96 -0.77 19.82
C THR B 260 16.43 -1.06 19.47
N GLY B 261 17.14 -0.03 19.02
CA GLY B 261 18.50 -0.22 18.50
C GLY B 261 18.44 -0.82 17.09
N GLU B 262 17.33 -0.59 16.40
CA GLU B 262 17.12 -1.12 15.06
C GLU B 262 16.84 0.00 14.05
N ILE B 263 17.31 -0.19 12.83
CA ILE B 263 17.05 0.74 11.73
C ILE B 263 15.57 0.61 11.38
N PRO B 264 14.82 1.74 11.35
CA PRO B 264 13.40 1.61 11.00
C PRO B 264 13.26 0.91 9.66
N PHE B 265 12.49 -0.17 9.62
CA PHE B 265 12.24 -0.88 8.38
C PHE B 265 13.53 -1.49 7.84
N ALA B 266 14.34 -2.08 8.72
CA ALA B 266 15.68 -2.60 8.35
C ALA B 266 15.69 -3.39 7.03
N HIS B 267 14.63 -4.16 6.80
CA HIS B 267 14.48 -5.03 5.65
C HIS B 267 14.18 -4.33 4.33
N LEU B 268 13.89 -3.03 4.37
CA LEU B 268 13.60 -2.30 3.15
C LEU B 268 14.73 -1.36 2.79
N LYS B 269 14.86 -1.06 1.49
CA LYS B 269 15.73 0.03 1.03
C LYS B 269 15.00 1.35 1.30
N PRO B 270 15.74 2.46 1.45
CA PRO B 270 15.16 3.73 1.89
C PRO B 270 13.81 4.09 1.24
N ALA B 271 13.74 4.06 -0.09
CA ALA B 271 12.55 4.53 -0.79
C ALA B 271 11.31 3.64 -0.57
N ALA B 272 11.52 2.33 -0.44
CA ALA B 272 10.44 1.38 -0.17
C ALA B 272 9.84 1.72 1.18
N ALA B 273 10.74 1.98 2.12
CA ALA B 273 10.37 2.36 3.46
C ALA B 273 9.54 3.64 3.50
N ASP B 274 9.97 4.65 2.76
CA ASP B 274 9.26 5.93 2.76
C ASP B 274 7.87 5.78 2.19
N MET B 275 7.77 4.96 1.15
CA MET B 275 6.50 4.68 0.48
C MET B 275 5.54 3.93 1.39
N ASP B 276 6.07 2.91 2.07
CA ASP B 276 5.28 2.20 3.06
C ASP B 276 4.75 3.16 4.11
N MET B 277 5.56 4.13 4.53
CA MET B 277 5.11 5.06 5.56
C MET B 277 4.08 6.03 5.04
N ALA B 278 4.34 6.57 3.86
CA ALA B 278 3.49 7.62 3.30
C ALA B 278 2.15 7.13 2.78
N TYR B 279 2.16 5.99 2.12
CA TYR B 279 1.03 5.55 1.31
C TYR B 279 0.22 4.48 2.00
N HIS B 280 0.90 3.55 2.65
CA HIS B 280 0.28 2.39 3.26
C HIS B 280 0.32 2.44 4.80
N HIS B 281 0.60 3.62 5.36
CA HIS B 281 0.55 3.90 6.80
C HIS B 281 1.38 3.04 7.73
N ILE B 282 2.30 2.25 7.20
CA ILE B 282 3.02 1.32 8.06
C ILE B 282 3.95 2.13 8.96
N ARG B 283 4.12 1.64 10.17
CA ARG B 283 5.01 2.25 11.15
C ARG B 283 5.78 1.15 11.80
N PRO B 284 6.99 1.45 12.30
CA PRO B 284 7.74 0.44 13.01
C PRO B 284 6.92 -0.14 14.17
N PRO B 285 7.04 -1.46 14.42
CA PRO B 285 6.23 -2.10 15.46
C PRO B 285 6.65 -1.75 16.90
N ILE B 286 5.65 -1.40 17.71
CA ILE B 286 5.87 -1.10 19.12
C ILE B 286 5.62 -2.35 19.97
N GLY B 287 6.46 -2.57 20.98
CA GLY B 287 6.30 -3.69 21.89
C GLY B 287 6.69 -3.38 23.32
N TYR B 288 6.94 -4.43 24.09
CA TYR B 288 7.36 -4.31 25.49
C TYR B 288 8.73 -3.60 25.63
N SER B 289 9.50 -3.54 24.54
CA SER B 289 10.72 -2.75 24.50
C SER B 289 10.53 -1.24 24.77
N ILE B 290 9.28 -0.78 24.73
CA ILE B 290 8.98 0.63 24.85
C ILE B 290 7.87 0.88 25.88
N PRO B 291 8.19 1.58 26.99
CA PRO B 291 7.20 1.85 28.05
C PRO B 291 6.12 2.86 27.64
N LYS B 292 4.94 2.74 28.27
CA LYS B 292 3.70 3.38 27.78
C LYS B 292 3.70 4.93 27.71
N PRO B 293 4.46 5.59 28.59
CA PRO B 293 4.62 7.05 28.44
C PRO B 293 5.30 7.47 27.13
N ILE B 294 6.34 6.74 26.74
CA ILE B 294 7.09 7.04 25.51
C ILE B 294 6.31 6.58 24.28
N SER B 295 5.93 5.30 24.25
CA SER B 295 5.21 4.73 23.12
C SER B 295 4.07 5.61 22.65
N SER B 296 3.44 6.34 23.57
CA SER B 296 2.39 7.30 23.23
C SER B 296 2.91 8.52 22.46
N LEU B 297 4.06 9.03 22.89
CA LEU B 297 4.78 10.05 22.15
C LEU B 297 5.17 9.60 20.76
N LEU B 298 5.58 8.33 20.61
CA LEU B 298 5.98 7.82 19.29
C LEU B 298 4.80 7.87 18.34
N ILE B 299 3.65 7.39 18.83
CA ILE B 299 2.43 7.29 18.03
C ILE B 299 1.96 8.66 17.55
N ARG B 300 1.91 9.63 18.46
CA ARG B 300 1.54 11.00 18.09
C ARG B 300 2.62 11.67 17.22
N GLY B 301 3.88 11.44 17.59
CA GLY B 301 5.04 11.89 16.84
C GLY B 301 5.03 11.53 15.36
N TRP B 302 4.63 10.31 15.01
CA TRP B 302 4.56 9.92 13.59
C TRP B 302 3.14 9.82 13.03
N ASN B 303 2.21 10.53 13.66
CA ASN B 303 0.88 10.73 13.08
C ASN B 303 1.03 11.24 11.65
N ALA B 304 0.18 10.74 10.76
CA ALA B 304 0.20 11.16 9.36
C ALA B 304 -0.23 12.62 9.18
N CYS B 305 -1.04 13.13 10.11
CA CYS B 305 -1.40 14.55 10.15
C CYS B 305 -0.34 15.31 10.94
N PRO B 306 0.39 16.23 10.29
CA PRO B 306 1.35 17.07 11.01
C PRO B 306 0.78 17.72 12.28
N GLU B 307 -0.39 18.34 12.20
CA GLU B 307 -0.99 19.08 13.32
C GLU B 307 -1.26 18.20 14.56
N GLY B 308 -1.41 16.90 14.35
CA GLY B 308 -1.52 15.94 15.44
C GLY B 308 -0.20 15.68 16.15
N ARG B 309 0.91 16.00 15.50
CA ARG B 309 2.22 15.76 16.09
C ARG B 309 2.52 16.77 17.20
N PRO B 310 3.14 16.30 18.28
CA PRO B 310 3.49 17.23 19.35
C PRO B 310 4.57 18.22 18.96
N GLU B 311 4.60 19.32 19.73
CA GLU B 311 5.66 20.31 19.70
C GLU B 311 6.85 19.75 20.45
N PHE B 312 8.06 20.18 20.09
CA PHE B 312 9.23 19.65 20.74
C PHE B 312 9.29 20.07 22.21
N SER B 313 8.65 21.16 22.58
CA SER B 313 8.59 21.53 23.99
C SER B 313 7.87 20.45 24.79
N GLU B 314 6.83 19.88 24.21
CA GLU B 314 6.11 18.79 24.87
C GLU B 314 6.96 17.52 24.97
N VAL B 315 7.76 17.27 23.94
CA VAL B 315 8.58 16.07 23.86
C VAL B 315 9.64 16.08 24.95
N VAL B 316 10.21 17.25 25.20
CA VAL B 316 11.31 17.40 26.15
C VAL B 316 10.86 17.17 27.60
N MET B 317 9.70 17.72 27.95
CA MET B 317 9.14 17.56 29.29
C MET B 317 8.83 16.11 29.59
N LYS B 318 8.14 15.43 28.68
CA LYS B 318 7.77 14.05 28.91
C LYS B 318 9.00 13.18 29.05
N LEU B 319 10.03 13.41 28.23
CA LEU B 319 11.24 12.59 28.27
C LEU B 319 12.10 12.89 29.49
N GLU B 320 12.15 14.16 29.90
CA GLU B 320 12.79 14.53 31.17
C GLU B 320 12.07 13.91 32.38
N GLU B 321 10.74 13.94 32.40
CA GLU B 321 9.99 13.26 33.44
C GLU B 321 10.37 11.77 33.51
N CYS B 322 10.36 11.08 32.37
CA CYS B 322 10.80 9.69 32.28
C CYS B 322 12.24 9.53 32.76
N LEU B 323 13.07 10.50 32.41
CA LEU B 323 14.45 10.46 32.85
C LEU B 323 14.57 10.57 34.37
N CYS B 324 13.72 11.39 35.00
CA CYS B 324 13.68 11.48 36.49
C CYS B 324 13.32 10.14 37.11
N ASN B 325 12.18 9.60 36.67
CA ASN B 325 11.65 8.36 37.22
C ASN B 325 12.57 7.14 37.02
N ILE B 326 13.37 7.15 35.96
CA ILE B 326 14.31 6.06 35.69
C ILE B 326 15.60 6.22 36.50
N GLU B 327 15.93 7.47 36.84
CA GLU B 327 17.04 7.75 37.77
C GLU B 327 16.64 7.41 39.21
N LEU B 328 15.42 7.81 39.60
CA LEU B 328 14.88 7.50 40.94
C LEU B 328 14.78 5.99 41.18
N MET B 329 14.24 5.26 40.21
CA MET B 329 14.23 3.81 40.25
C MET B 329 15.65 3.29 39.97
N GLU C 41 -5.77 -39.53 24.06
CA GLU C 41 -7.09 -38.95 24.44
C GLU C 41 -7.33 -39.02 25.94
N LYS C 42 -7.12 -40.18 26.54
CA LYS C 42 -7.17 -40.29 28.00
C LYS C 42 -5.93 -39.63 28.63
N ALA C 43 -4.80 -39.69 27.95
CA ALA C 43 -3.56 -39.08 28.43
C ALA C 43 -3.62 -37.55 28.35
N ASP C 44 -4.20 -37.02 27.28
CA ASP C 44 -4.35 -35.57 27.11
C ASP C 44 -5.29 -34.97 28.16
N ILE C 45 -6.42 -35.63 28.39
CA ILE C 45 -7.36 -35.21 29.42
C ILE C 45 -6.77 -35.31 30.84
N LEU C 46 -5.98 -36.34 31.10
CA LEU C 46 -5.26 -36.47 32.37
C LEU C 46 -4.18 -35.38 32.55
N LEU C 47 -3.44 -35.06 31.49
CA LEU C 47 -2.45 -33.99 31.55
CA LEU C 47 -2.46 -34.00 31.54
C LEU C 47 -3.15 -32.67 31.82
N LEU C 48 -4.31 -32.47 31.17
CA LEU C 48 -5.15 -31.28 31.34
C LEU C 48 -5.67 -31.15 32.77
N ARG C 49 -6.29 -32.24 33.25
CA ARG C 49 -6.77 -32.37 34.63
C ARG C 49 -5.68 -31.95 35.63
N ALA C 50 -4.43 -32.30 35.34
CA ALA C 50 -3.29 -31.99 36.24
C ALA C 50 -2.76 -30.54 36.16
N GLY C 51 -2.77 -29.91 35.00
CA GLY C 51 -2.44 -28.49 34.93
C GLY C 51 -3.56 -27.58 35.42
N LEU C 52 -4.78 -28.10 35.45
CA LEU C 52 -5.94 -27.27 35.75
C LEU C 52 -6.12 -27.08 37.24
N PRO C 53 -6.11 -25.80 37.73
CA PRO C 53 -6.33 -25.62 39.16
C PRO C 53 -7.65 -26.21 39.62
N SER C 54 -7.63 -26.68 40.86
CA SER C 54 -8.68 -27.54 41.42
C SER C 54 -10.12 -26.98 41.38
N HIS C 55 -10.29 -25.70 41.67
CA HIS C 55 -11.62 -25.09 41.71
C HIS C 55 -12.30 -24.96 40.35
N PHE C 56 -11.57 -25.25 39.26
CA PHE C 56 -12.14 -25.26 37.91
C PHE C 56 -12.76 -26.62 37.57
N HIS C 57 -12.54 -27.65 38.39
CA HIS C 57 -13.03 -29.00 38.04
C HIS C 57 -14.50 -29.11 38.43
N LEU C 58 -15.31 -29.52 37.46
CA LEU C 58 -16.75 -29.68 37.62
C LEU C 58 -17.21 -31.07 37.22
N GLN C 59 -18.25 -31.53 37.90
CA GLN C 59 -18.99 -32.69 37.49
C GLN C 59 -20.22 -32.21 36.76
N LEU C 60 -20.59 -32.92 35.71
CA LEU C 60 -21.76 -32.56 34.91
C LEU C 60 -23.07 -32.52 35.73
N SER C 61 -23.09 -33.29 36.82
CA SER C 61 -24.20 -33.28 37.78
C SER C 61 -24.31 -31.95 38.55
N GLU C 62 -23.22 -31.18 38.60
CA GLU C 62 -23.23 -29.85 39.22
C GLU C 62 -23.80 -28.73 38.33
N ILE C 63 -24.17 -29.04 37.09
CA ILE C 63 -24.68 -28.06 36.15
C ILE C 63 -26.12 -28.30 35.76
N GLU C 64 -26.90 -27.23 35.82
CA GLU C 64 -28.31 -27.20 35.47
C GLU C 64 -28.46 -26.32 34.22
N PHE C 65 -29.10 -26.84 33.18
CA PHE C 65 -29.18 -26.20 31.88
C PHE C 65 -30.55 -25.64 31.61
N HIS C 66 -30.64 -24.36 31.29
CA HIS C 66 -31.92 -23.74 30.91
C HIS C 66 -31.89 -23.44 29.41
N GLU C 67 -32.37 -22.28 28.98
CA GLU C 67 -32.51 -22.03 27.54
C GLU C 67 -31.20 -21.97 26.73
N ILE C 68 -31.33 -22.11 25.41
CA ILE C 68 -30.22 -21.96 24.47
C ILE C 68 -30.02 -20.48 24.14
N ILE C 69 -28.78 -20.01 24.27
CA ILE C 69 -28.41 -18.62 23.98
C ILE C 69 -27.36 -18.49 22.86
N GLY C 70 -26.77 -19.61 22.46
CA GLY C 70 -25.77 -19.65 21.39
C GLY C 70 -25.82 -20.99 20.69
N SER C 71 -25.18 -21.08 19.52
CA SER C 71 -25.11 -22.34 18.78
C SER C 71 -23.78 -22.46 18.02
N GLY C 72 -23.66 -23.52 17.22
CA GLY C 72 -22.46 -23.75 16.40
C GLY C 72 -22.25 -25.19 15.97
N SER C 73 -21.18 -25.40 15.21
CA SER C 73 -20.75 -26.74 14.79
C SER C 73 -20.18 -27.50 15.98
N PHE C 74 -19.43 -26.78 16.82
CA PHE C 74 -18.84 -27.31 18.06
C PHE C 74 -19.85 -27.96 19.02
N GLY C 75 -21.03 -27.36 19.15
CA GLY C 75 -22.00 -27.71 20.19
C GLY C 75 -23.03 -26.61 20.39
N LYS C 76 -23.36 -26.33 21.64
CA LYS C 76 -24.40 -25.34 21.98
C LYS C 76 -24.15 -24.64 23.29
N VAL C 77 -24.60 -23.39 23.38
CA VAL C 77 -24.35 -22.60 24.57
C VAL C 77 -25.68 -22.34 25.27
N TYR C 78 -25.70 -22.59 26.58
CA TYR C 78 -26.90 -22.51 27.41
C TYR C 78 -26.75 -21.49 28.54
N LYS C 79 -27.88 -20.89 28.91
CA LYS C 79 -27.94 -20.24 30.20
C LYS C 79 -28.20 -21.35 31.18
N GLY C 80 -27.69 -21.20 32.39
CA GLY C 80 -27.87 -22.24 33.36
C GLY C 80 -27.39 -21.85 34.73
N ARG C 81 -27.13 -22.86 35.55
CA ARG C 81 -26.82 -22.67 36.93
C ARG C 81 -25.71 -23.65 37.29
N CYS C 82 -24.81 -23.24 38.17
CA CYS C 82 -23.71 -24.09 38.66
C CYS C 82 -23.29 -23.57 40.03
N ARG C 83 -23.25 -24.43 41.03
CA ARG C 83 -22.98 -23.98 42.39
C ARG C 83 -23.86 -22.77 42.73
N ASN C 84 -25.14 -22.88 42.44
CA ASN C 84 -26.12 -21.84 42.75
C ASN C 84 -25.88 -20.47 42.10
N LYS C 85 -25.06 -20.44 41.06
CA LYS C 85 -24.65 -19.19 40.41
C LYS C 85 -25.20 -19.22 38.98
N ILE C 86 -25.79 -18.13 38.50
CA ILE C 86 -26.20 -18.06 37.10
C ILE C 86 -24.96 -18.03 36.19
N VAL C 87 -24.91 -18.91 35.20
CA VAL C 87 -23.71 -19.08 34.38
C VAL C 87 -24.07 -19.36 32.92
N ALA C 88 -23.05 -19.40 32.06
CA ALA C 88 -23.24 -19.77 30.66
C ALA C 88 -22.47 -21.04 30.40
N ILE C 89 -23.11 -22.04 29.81
CA ILE C 89 -22.45 -23.32 29.58
C ILE C 89 -22.39 -23.71 28.12
N LYS C 90 -21.16 -23.79 27.58
CA LYS C 90 -20.91 -24.41 26.28
C LYS C 90 -20.79 -25.91 26.46
N ARG C 91 -21.59 -26.64 25.70
CA ARG C 91 -21.72 -28.08 25.84
C ARG C 91 -21.23 -28.66 24.53
N TYR C 92 -20.17 -29.46 24.58
CA TYR C 92 -19.64 -30.04 23.36
C TYR C 92 -20.63 -31.10 22.86
N ARG C 93 -20.61 -31.31 21.54
CA ARG C 93 -21.37 -32.36 20.89
C ARG C 93 -20.83 -33.70 21.36
N SER C 101 -10.97 -35.41 16.33
CA SER C 101 -10.59 -34.02 16.47
C SER C 101 -11.03 -33.35 17.78
N ASP C 102 -12.07 -33.87 18.43
CA ASP C 102 -12.76 -33.13 19.51
C ASP C 102 -12.02 -32.97 20.84
N VAL C 103 -11.20 -33.95 21.19
CA VAL C 103 -10.43 -33.88 22.42
C VAL C 103 -9.31 -32.83 22.32
N ASP C 104 -8.64 -32.73 21.17
CA ASP C 104 -7.65 -31.65 20.92
C ASP C 104 -8.30 -30.28 21.15
N MET C 105 -9.46 -30.09 20.55
CA MET C 105 -10.21 -28.85 20.60
C MET C 105 -10.56 -28.46 22.03
N PHE C 106 -11.15 -29.40 22.77
CA PHE C 106 -11.54 -29.17 24.15
C PHE C 106 -10.34 -28.77 24.99
N CYS C 107 -9.32 -29.63 25.02
CA CYS C 107 -8.10 -29.37 25.80
C CYS C 107 -7.49 -27.99 25.54
N ARG C 108 -7.43 -27.59 24.28
CA ARG C 108 -6.90 -26.29 23.92
C ARG C 108 -7.74 -25.11 24.43
N GLU C 109 -9.07 -25.19 24.26
CA GLU C 109 -9.99 -24.11 24.68
C GLU C 109 -9.94 -23.93 26.20
N VAL C 110 -9.96 -25.05 26.92
CA VAL C 110 -9.85 -25.03 28.37
C VAL C 110 -8.49 -24.45 28.76
N SER C 111 -7.44 -24.84 28.06
CA SER C 111 -6.09 -24.28 28.30
C SER C 111 -6.02 -22.78 28.10
N ILE C 112 -6.65 -22.29 27.05
CA ILE C 112 -6.70 -20.86 26.82
C ILE C 112 -7.56 -20.17 27.88
N LEU C 113 -8.79 -20.64 28.09
CA LEU C 113 -9.68 -20.03 29.08
C LEU C 113 -9.07 -19.82 30.47
N CYS C 114 -8.35 -20.81 30.96
CA CYS C 114 -7.86 -20.75 32.33
C CYS C 114 -6.60 -19.88 32.50
N GLN C 115 -6.04 -19.36 31.40
CA GLN C 115 -5.05 -18.28 31.45
C GLN C 115 -5.72 -16.90 31.68
N LEU C 116 -7.01 -16.76 31.40
CA LEU C 116 -7.64 -15.44 31.32
C LEU C 116 -8.01 -14.79 32.65
N ASN C 117 -7.59 -13.54 32.77
CA ASN C 117 -7.76 -12.74 33.97
C ASN C 117 -7.69 -11.24 33.61
N HIS C 118 -8.70 -10.76 32.93
CA HIS C 118 -8.78 -9.36 32.57
C HIS C 118 -10.27 -8.94 32.52
N PRO C 119 -10.61 -7.74 33.01
CA PRO C 119 -12.05 -7.37 33.05
C PRO C 119 -12.79 -7.25 31.69
N CYS C 120 -12.05 -7.30 30.58
CA CYS C 120 -12.62 -7.13 29.25
C CYS C 120 -12.69 -8.45 28.48
N VAL C 121 -12.51 -9.53 29.21
CA VAL C 121 -12.39 -10.85 28.64
C VAL C 121 -13.16 -11.81 29.55
N ILE C 122 -13.89 -12.73 28.92
CA ILE C 122 -14.80 -13.62 29.63
C ILE C 122 -14.16 -14.33 30.84
N GLN C 123 -14.92 -14.46 31.92
CA GLN C 123 -14.45 -15.10 33.13
C GLN C 123 -14.80 -16.58 33.12
N PHE C 124 -13.77 -17.41 33.01
CA PHE C 124 -13.90 -18.86 33.10
C PHE C 124 -14.26 -19.27 34.51
N VAL C 125 -15.22 -20.19 34.62
CA VAL C 125 -15.65 -20.68 35.92
C VAL C 125 -15.22 -22.12 36.14
N GLY C 126 -15.28 -22.93 35.10
CA GLY C 126 -14.84 -24.30 35.17
C GLY C 126 -15.27 -25.12 33.97
N ALA C 127 -14.80 -26.37 33.94
CA ALA C 127 -15.07 -27.29 32.84
C ALA C 127 -15.32 -28.68 33.40
N CYS C 128 -16.07 -29.49 32.64
CA CYS C 128 -16.24 -30.90 32.97
CA CYS C 128 -16.25 -30.90 32.95
C CYS C 128 -15.36 -31.69 32.04
N LEU C 129 -14.38 -32.40 32.60
CA LEU C 129 -13.50 -33.22 31.81
C LEU C 129 -13.55 -34.70 32.19
N ASN C 130 -14.51 -35.08 33.03
CA ASN C 130 -14.65 -36.47 33.43
C ASN C 130 -14.44 -37.41 32.24
N ASP C 131 -15.20 -37.23 31.17
CA ASP C 131 -14.93 -37.93 29.89
C ASP C 131 -15.59 -37.21 28.69
N PRO C 132 -15.15 -37.52 27.44
CA PRO C 132 -15.57 -36.79 26.22
C PRO C 132 -17.08 -36.66 25.96
N SER C 133 -17.83 -37.65 26.45
CA SER C 133 -19.29 -37.59 26.41
C SER C 133 -19.84 -36.48 27.29
N GLN C 134 -19.05 -35.97 28.21
CA GLN C 134 -19.51 -34.99 29.19
C GLN C 134 -18.88 -33.59 29.05
N PHE C 135 -18.18 -33.35 27.94
CA PHE C 135 -17.39 -32.13 27.78
C PHE C 135 -18.24 -30.88 27.82
N ALA C 136 -17.95 -30.00 28.76
CA ALA C 136 -18.70 -28.75 28.96
C ALA C 136 -17.81 -27.65 29.52
N ILE C 137 -17.99 -26.44 29.04
CA ILE C 137 -17.23 -25.30 29.54
C ILE C 137 -18.15 -24.26 30.20
N VAL C 138 -17.81 -23.83 31.41
CA VAL C 138 -18.61 -22.86 32.14
C VAL C 138 -17.93 -21.49 32.37
N THR C 139 -18.67 -20.42 32.12
CA THR C 139 -18.16 -19.08 32.32
C THR C 139 -19.25 -18.26 32.97
N GLN C 140 -18.90 -17.02 33.34
CA GLN C 140 -19.88 -16.04 33.79
C GLN C 140 -21.01 -15.93 32.78
N TYR C 141 -22.19 -15.51 33.25
CA TYR C 141 -23.28 -15.08 32.38
C TYR C 141 -23.44 -13.55 32.49
N ILE C 142 -23.72 -12.91 31.38
CA ILE C 142 -23.78 -11.46 31.33
C ILE C 142 -25.15 -11.14 30.76
N SER C 143 -25.94 -10.41 31.54
CA SER C 143 -27.40 -10.30 31.32
C SER C 143 -27.82 -9.22 30.33
N GLY C 144 -26.89 -8.36 29.94
CA GLY C 144 -27.18 -7.36 28.93
C GLY C 144 -27.12 -7.86 27.50
N GLY C 145 -26.76 -9.13 27.31
CA GLY C 145 -26.77 -9.72 25.98
C GLY C 145 -25.56 -9.40 25.12
N SER C 146 -25.62 -9.87 23.88
CA SER C 146 -24.56 -9.67 22.92
C SER C 146 -24.72 -8.30 22.29
N LEU C 147 -23.62 -7.74 21.79
CA LEU C 147 -23.67 -6.52 21.02
C LEU C 147 -24.53 -6.74 19.80
N PHE C 148 -24.35 -7.85 19.12
CA PHE C 148 -25.20 -8.16 17.98
C PHE C 148 -26.69 -7.94 18.27
N SER C 149 -27.18 -8.52 19.36
CA SER C 149 -28.60 -8.38 19.73
C SER C 149 -29.01 -6.93 19.95
N LEU C 150 -28.19 -6.18 20.66
CA LEU C 150 -28.54 -4.82 21.03
C LEU C 150 -28.76 -3.99 19.79
N LEU C 151 -27.84 -4.16 18.82
CA LEU C 151 -27.78 -3.29 17.65
C LEU C 151 -28.73 -3.68 16.52
N HIS C 152 -28.99 -4.98 16.38
CA HIS C 152 -29.72 -5.49 15.22
C HIS C 152 -31.02 -6.22 15.52
N GLU C 153 -31.22 -6.68 16.75
CA GLU C 153 -32.48 -7.34 17.13
C GLU C 153 -33.34 -6.40 17.93
N GLN C 154 -32.77 -5.79 18.96
CA GLN C 154 -33.44 -4.76 19.75
C GLN C 154 -33.30 -3.39 19.12
N LYS C 155 -32.36 -3.25 18.18
CA LYS C 155 -32.22 -2.01 17.40
C LYS C 155 -32.23 -0.77 18.30
N ARG C 156 -31.41 -0.80 19.33
CA ARG C 156 -31.38 0.25 20.34
C ARG C 156 -30.42 1.35 19.91
N ILE C 157 -30.74 2.59 20.29
CA ILE C 157 -29.95 3.77 19.91
C ILE C 157 -28.96 4.13 21.01
N LEU C 158 -27.67 4.19 20.67
CA LEU C 158 -26.64 4.58 21.64
C LEU C 158 -26.07 5.95 21.30
N ASP C 159 -25.77 6.72 22.33
CA ASP C 159 -24.93 7.92 22.16
C ASP C 159 -23.49 7.51 21.87
N LEU C 160 -22.71 8.45 21.36
CA LEU C 160 -21.35 8.19 20.97
C LEU C 160 -20.52 7.71 22.16
N GLN C 161 -20.78 8.20 23.36
CA GLN C 161 -19.97 7.81 24.50
C GLN C 161 -20.14 6.32 24.85
N SER C 162 -21.38 5.84 24.87
CA SER C 162 -21.67 4.43 25.12
C SER C 162 -21.05 3.53 24.06
N LYS C 163 -21.05 4.01 22.81
CA LYS C 163 -20.42 3.31 21.71
C LYS C 163 -18.92 3.13 21.94
N LEU C 164 -18.27 4.21 22.35
CA LEU C 164 -16.83 4.21 22.48
C LEU C 164 -16.35 3.48 23.72
N ILE C 165 -17.21 3.35 24.72
CA ILE C 165 -16.88 2.54 25.87
C ILE C 165 -16.79 1.06 25.46
N ILE C 166 -17.78 0.60 24.70
CA ILE C 166 -17.79 -0.77 24.23
C ILE C 166 -16.56 -1.00 23.36
N ALA C 167 -16.34 -0.10 22.41
CA ALA C 167 -15.19 -0.20 21.51
C ALA C 167 -13.88 -0.26 22.30
N VAL C 168 -13.78 0.55 23.35
CA VAL C 168 -12.57 0.60 24.15
C VAL C 168 -12.38 -0.64 25.00
N ASP C 169 -13.46 -1.13 25.59
CA ASP C 169 -13.37 -2.34 26.40
C ASP C 169 -12.94 -3.51 25.53
N VAL C 170 -13.52 -3.60 24.33
CA VAL C 170 -13.19 -4.66 23.38
C VAL C 170 -11.71 -4.58 23.00
N ALA C 171 -11.27 -3.38 22.70
CA ALA C 171 -9.91 -3.14 22.26
C ALA C 171 -8.94 -3.54 23.36
N LYS C 172 -9.27 -3.13 24.58
CA LYS C 172 -8.45 -3.51 25.72
C LYS C 172 -8.39 -5.04 25.90
N GLY C 173 -9.52 -5.71 25.68
CA GLY C 173 -9.57 -7.15 25.83
C GLY C 173 -8.62 -7.82 24.88
N MET C 174 -8.63 -7.35 23.63
CA MET C 174 -7.77 -7.89 22.57
C MET C 174 -6.30 -7.56 22.83
N GLU C 175 -6.03 -6.35 23.30
CA GLU C 175 -4.69 -6.00 23.66
C GLU C 175 -4.16 -6.94 24.73
N TYR C 176 -5.00 -7.30 25.68
CA TYR C 176 -4.58 -8.20 26.78
C TYR C 176 -4.12 -9.53 26.25
N LEU C 177 -4.96 -10.14 25.41
CA LEU C 177 -4.68 -11.44 24.79
C LEU C 177 -3.38 -11.33 24.00
N HIS C 178 -3.28 -10.30 23.17
CA HIS C 178 -2.17 -10.17 22.24
C HIS C 178 -0.81 -9.96 22.93
N ASN C 179 -0.81 -9.36 24.10
CA ASN C 179 0.45 -9.07 24.78
C ASN C 179 0.69 -9.99 25.99
N LEU C 180 0.04 -11.14 26.03
CA LEU C 180 0.40 -12.16 27.03
C LEU C 180 1.82 -12.68 26.74
N THR C 181 2.45 -13.30 27.75
CA THR C 181 3.77 -13.90 27.58
C THR C 181 3.70 -14.84 26.39
N GLN C 182 2.60 -15.58 26.32
CA GLN C 182 2.27 -16.41 25.16
C GLN C 182 0.99 -15.90 24.51
N PRO C 183 1.12 -15.04 23.48
CA PRO C 183 -0.04 -14.40 22.86
C PRO C 183 -1.10 -15.37 22.40
N ILE C 184 -2.33 -14.96 22.64
CA ILE C 184 -3.52 -15.66 22.19
C ILE C 184 -4.16 -14.83 21.09
N ILE C 185 -4.55 -15.51 20.03
CA ILE C 185 -5.32 -14.90 18.98
C ILE C 185 -6.73 -15.43 19.09
N HIS C 186 -7.72 -14.55 18.89
CA HIS C 186 -9.12 -14.92 19.06
C HIS C 186 -9.70 -15.64 17.87
N ARG C 187 -9.53 -15.03 16.68
CA ARG C 187 -9.91 -15.62 15.37
C ARG C 187 -11.39 -15.69 15.01
N ASP C 188 -12.24 -15.07 15.79
CA ASP C 188 -13.69 -15.20 15.56
C ASP C 188 -14.38 -14.00 16.20
N LEU C 189 -13.71 -12.87 16.17
CA LEU C 189 -14.20 -11.66 16.77
C LEU C 189 -15.32 -11.10 15.90
N ASN C 190 -16.50 -10.99 16.49
CA ASN C 190 -17.65 -10.43 15.83
C ASN C 190 -18.59 -9.96 16.92
N SER C 191 -19.75 -9.43 16.52
CA SER C 191 -20.63 -8.81 17.51
C SER C 191 -21.42 -9.85 18.36
N HIS C 192 -21.49 -11.10 17.90
CA HIS C 192 -22.12 -12.16 18.69
C HIS C 192 -21.24 -12.50 19.86
N ASN C 193 -19.93 -12.29 19.70
CA ASN C 193 -18.92 -12.66 20.67
C ASN C 193 -18.41 -11.49 21.52
N ILE C 194 -19.15 -10.39 21.49
CA ILE C 194 -18.94 -9.24 22.36
C ILE C 194 -20.17 -9.13 23.28
N LEU C 195 -19.94 -9.25 24.58
CA LEU C 195 -21.07 -9.32 25.52
C LEU C 195 -21.11 -8.04 26.34
N LEU C 196 -22.32 -7.66 26.76
CA LEU C 196 -22.52 -6.36 27.41
C LEU C 196 -23.11 -6.44 28.84
N TYR C 197 -22.36 -5.94 29.82
CA TYR C 197 -22.92 -5.60 31.12
C TYR C 197 -23.95 -4.46 31.01
N GLU C 198 -24.94 -4.47 31.88
CA GLU C 198 -25.91 -3.37 31.97
C GLU C 198 -25.29 -2.02 32.35
N ASP C 199 -24.18 -2.04 33.08
CA ASP C 199 -23.40 -0.81 33.33
C ASP C 199 -22.74 -0.26 32.06
N GLY C 200 -22.92 -0.93 30.93
CA GLY C 200 -22.46 -0.43 29.63
C GLY C 200 -21.05 -0.84 29.22
N HIS C 201 -20.36 -1.62 30.05
CA HIS C 201 -19.05 -2.17 29.68
C HIS C 201 -19.22 -3.47 28.88
N ALA C 202 -18.12 -3.97 28.33
CA ALA C 202 -18.18 -5.11 27.42
C ALA C 202 -17.03 -6.07 27.66
N VAL C 203 -17.25 -7.32 27.27
CA VAL C 203 -16.20 -8.32 27.36
C VAL C 203 -16.20 -9.15 26.09
N VAL C 204 -15.02 -9.64 25.74
CA VAL C 204 -14.83 -10.51 24.59
C VAL C 204 -15.13 -11.93 25.01
N ALA C 205 -16.01 -12.59 24.29
CA ALA C 205 -16.43 -13.96 24.67
C ALA C 205 -16.13 -15.02 23.61
N ASP C 206 -16.30 -16.29 24.00
CA ASP C 206 -16.18 -17.44 23.10
C ASP C 206 -14.79 -17.62 22.49
N PHE C 207 -13.97 -18.45 23.14
CA PHE C 207 -12.59 -18.68 22.72
C PHE C 207 -12.42 -20.02 21.98
N GLY C 208 -13.55 -20.56 21.49
CA GLY C 208 -13.56 -21.83 20.75
C GLY C 208 -12.76 -21.89 19.46
N GLU C 209 -12.47 -20.73 18.87
CA GLU C 209 -11.60 -20.66 17.71
C GLU C 209 -10.18 -20.19 18.04
N SER C 210 -9.95 -19.81 19.29
CA SER C 210 -8.66 -19.22 19.69
C SER C 210 -7.50 -20.22 19.67
N ARG C 211 -6.34 -19.69 19.34
CA ARG C 211 -5.10 -20.45 19.31
C ARG C 211 -4.05 -19.65 20.03
N PHE C 212 -3.06 -20.33 20.58
CA PHE C 212 -1.82 -19.67 20.98
C PHE C 212 -1.04 -19.35 19.71
N LEU C 213 -0.81 -18.07 19.48
CA LEU C 213 0.12 -17.64 18.45
C LEU C 213 1.46 -18.36 18.66
N GLN C 214 1.94 -19.07 17.63
CA GLN C 214 3.27 -19.70 17.68
C GLN C 214 4.35 -18.65 17.35
N SER C 215 5.50 -18.72 18.04
CA SER C 215 6.54 -17.66 18.01
C SER C 215 7.18 -17.46 16.62
N GLY C 226 6.29 -21.85 -4.10
CA GLY C 226 6.88 -21.40 -5.36
C GLY C 226 7.67 -20.11 -5.24
N ASN C 227 8.00 -19.50 -6.38
CA ASN C 227 8.57 -18.15 -6.38
C ASN C 227 7.45 -17.11 -6.35
N LEU C 228 7.61 -16.12 -5.46
CA LEU C 228 6.55 -15.17 -5.11
C LEU C 228 6.23 -14.08 -6.16
N ARG C 229 7.19 -13.75 -7.02
CA ARG C 229 7.02 -12.68 -8.01
C ARG C 229 5.91 -12.92 -9.02
N TRP C 230 5.64 -14.20 -9.30
CA TRP C 230 4.64 -14.57 -10.30
C TRP C 230 3.36 -15.13 -9.67
N MET C 231 3.28 -15.21 -8.36
CA MET C 231 2.08 -15.71 -7.68
C MET C 231 0.84 -14.83 -7.83
N ALA C 232 -0.31 -15.49 -7.83
CA ALA C 232 -1.60 -14.84 -7.71
C ALA C 232 -1.79 -14.33 -6.27
N PRO C 233 -2.37 -13.12 -6.11
CA PRO C 233 -2.58 -12.53 -4.79
C PRO C 233 -3.24 -13.46 -3.80
N GLU C 234 -4.23 -14.23 -4.25
CA GLU C 234 -4.90 -15.18 -3.37
C GLU C 234 -4.08 -16.47 -3.09
N VAL C 235 -2.94 -16.63 -3.76
CA VAL C 235 -2.04 -17.73 -3.46
C VAL C 235 -0.92 -17.27 -2.51
N PHE C 236 -0.42 -16.07 -2.75
CA PHE C 236 0.56 -15.41 -1.86
C PHE C 236 0.10 -15.38 -0.40
N THR C 237 -1.18 -15.13 -0.25
CA THR C 237 -1.80 -14.96 1.04
C THR C 237 -1.89 -16.29 1.80
N GLN C 238 -1.95 -17.40 1.06
CA GLN C 238 -1.94 -18.75 1.67
C GLN C 238 -0.59 -19.17 2.25
N CYS C 239 0.47 -18.39 1.98
CA CYS C 239 1.82 -18.63 2.51
C CYS C 239 2.03 -18.10 3.92
N THR C 240 1.12 -17.24 4.37
CA THR C 240 1.19 -16.66 5.71
C THR C 240 0.15 -17.33 6.58
N ARG C 241 0.39 -17.35 7.89
CA ARG C 241 -0.61 -17.85 8.84
C ARG C 241 -1.41 -16.69 9.43
N TYR C 242 -2.48 -17.04 10.14
CA TYR C 242 -3.29 -16.08 10.91
C TYR C 242 -2.36 -15.32 11.90
N THR C 243 -2.21 -14.00 11.71
CA THR C 243 -1.45 -13.18 12.64
C THR C 243 -2.36 -12.42 13.60
N ILE C 244 -1.78 -11.75 14.59
CA ILE C 244 -2.55 -10.89 15.50
C ILE C 244 -3.40 -9.91 14.70
N LYS C 245 -2.88 -9.50 13.54
CA LYS C 245 -3.49 -8.42 12.74
C LYS C 245 -4.82 -8.78 12.08
N ALA C 246 -5.10 -10.06 11.92
CA ALA C 246 -6.43 -10.48 11.48
C ALA C 246 -7.53 -10.17 12.51
N ASP C 247 -7.20 -10.20 13.80
CA ASP C 247 -8.14 -9.79 14.85
C ASP C 247 -8.46 -8.32 14.73
N VAL C 248 -7.43 -7.53 14.42
CA VAL C 248 -7.55 -6.08 14.23
C VAL C 248 -8.52 -5.77 13.08
N PHE C 249 -8.41 -6.52 12.00
CA PHE C 249 -9.33 -6.33 10.88
C PHE C 249 -10.76 -6.59 11.37
N SER C 250 -10.97 -7.74 11.99
CA SER C 250 -12.32 -8.11 12.47
C SER C 250 -12.82 -7.03 13.43
N TYR C 251 -11.93 -6.51 14.27
CA TYR C 251 -12.32 -5.44 15.20
C TYR C 251 -12.83 -4.22 14.44
N ALA C 252 -12.11 -3.86 13.37
CA ALA C 252 -12.45 -2.70 12.55
C ALA C 252 -13.89 -2.75 12.04
N LEU C 253 -14.33 -3.91 11.57
CA LEU C 253 -15.73 -4.06 11.14
C LEU C 253 -16.68 -3.90 12.32
N CYS C 254 -16.33 -4.47 13.47
CA CYS C 254 -17.17 -4.29 14.67
C CYS C 254 -17.26 -2.82 15.01
N LEU C 255 -16.15 -2.08 14.91
CA LEU C 255 -16.20 -0.66 15.24
C LEU C 255 -17.15 0.12 14.30
N TRP C 256 -17.14 -0.22 13.01
CA TRP C 256 -18.08 0.34 12.05
C TRP C 256 -19.49 -0.04 12.43
N GLU C 257 -19.66 -1.32 12.75
CA GLU C 257 -20.95 -1.88 13.13
C GLU C 257 -21.53 -1.10 14.32
N ILE C 258 -20.67 -0.82 15.31
CA ILE C 258 -21.07 -0.07 16.50
C ILE C 258 -21.56 1.34 16.12
N LEU C 259 -20.78 2.05 15.31
CA LEU C 259 -21.11 3.42 14.91
C LEU C 259 -22.39 3.53 14.11
N THR C 260 -22.53 2.70 13.08
CA THR C 260 -23.68 2.78 12.17
C THR C 260 -24.91 1.98 12.65
N GLY C 261 -24.68 0.96 13.48
CA GLY C 261 -25.74 0.06 13.92
C GLY C 261 -26.07 -1.01 12.90
N GLU C 262 -25.26 -1.10 11.84
CA GLU C 262 -25.55 -1.99 10.72
C GLU C 262 -24.57 -3.15 10.66
N ILE C 263 -25.09 -4.30 10.23
CA ILE C 263 -24.28 -5.48 9.98
C ILE C 263 -23.43 -5.16 8.76
N PRO C 264 -22.11 -5.43 8.82
CA PRO C 264 -21.27 -5.16 7.65
C PRO C 264 -21.85 -5.81 6.40
N PHE C 265 -21.98 -5.05 5.33
CA PHE C 265 -22.61 -5.54 4.11
C PHE C 265 -23.95 -6.23 4.39
N ALA C 266 -24.83 -5.57 5.13
CA ALA C 266 -26.10 -6.18 5.60
C ALA C 266 -26.91 -6.89 4.52
N HIS C 267 -26.86 -6.37 3.31
CA HIS C 267 -27.62 -6.92 2.18
C HIS C 267 -26.99 -8.15 1.49
N LEU C 268 -25.83 -8.61 1.95
CA LEU C 268 -25.12 -9.71 1.30
C LEU C 268 -25.00 -10.89 2.22
N LYS C 269 -24.82 -12.08 1.65
CA LYS C 269 -24.55 -13.26 2.46
C LYS C 269 -23.07 -13.28 2.88
N PRO C 270 -22.75 -13.99 3.98
CA PRO C 270 -21.40 -13.96 4.53
C PRO C 270 -20.26 -14.16 3.51
N ALA C 271 -20.39 -15.17 2.67
CA ALA C 271 -19.32 -15.53 1.74
C ALA C 271 -19.19 -14.52 0.60
N ALA C 272 -20.30 -13.84 0.30
CA ALA C 272 -20.30 -12.74 -0.69
C ALA C 272 -19.62 -11.51 -0.13
N ALA C 273 -19.92 -11.19 1.13
CA ALA C 273 -19.26 -10.10 1.81
C ALA C 273 -17.75 -10.35 1.88
N ASP C 274 -17.37 -11.54 2.32
CA ASP C 274 -15.96 -11.91 2.40
C ASP C 274 -15.30 -11.80 1.05
N MET C 275 -16.01 -12.20 0.01
CA MET C 275 -15.48 -12.17 -1.35
C MET C 275 -15.25 -10.74 -1.82
N ASP C 276 -16.24 -9.87 -1.59
CA ASP C 276 -16.07 -8.47 -1.94
C ASP C 276 -14.91 -7.79 -1.22
N MET C 277 -14.70 -8.15 0.03
CA MET C 277 -13.62 -7.52 0.80
C MET C 277 -12.25 -8.01 0.33
N ALA C 278 -12.17 -9.27 -0.07
CA ALA C 278 -10.88 -9.89 -0.41
C ALA C 278 -10.46 -9.63 -1.85
N TYR C 279 -11.35 -9.98 -2.78
CA TYR C 279 -11.06 -9.86 -4.21
C TYR C 279 -11.30 -8.44 -4.75
N HIS C 280 -12.41 -7.79 -4.39
CA HIS C 280 -12.73 -6.47 -4.93
C HIS C 280 -12.23 -5.28 -4.07
N HIS C 281 -11.60 -5.57 -2.93
CA HIS C 281 -11.07 -4.56 -2.00
C HIS C 281 -12.10 -3.59 -1.44
N ILE C 282 -13.36 -4.04 -1.42
CA ILE C 282 -14.48 -3.22 -0.99
C ILE C 282 -14.59 -3.22 0.54
N ARG C 283 -15.07 -2.10 1.07
CA ARG C 283 -15.28 -1.89 2.50
C ARG C 283 -16.60 -1.19 2.75
N PRO C 284 -17.22 -1.40 3.92
CA PRO C 284 -18.44 -0.66 4.20
C PRO C 284 -18.25 0.86 4.09
N PRO C 285 -19.30 1.56 3.73
CA PRO C 285 -19.15 2.98 3.51
C PRO C 285 -18.80 3.75 4.79
N ILE C 286 -17.84 4.65 4.68
CA ILE C 286 -17.47 5.58 5.76
C ILE C 286 -18.10 6.94 5.53
N GLY C 287 -19.22 7.20 6.19
CA GLY C 287 -19.93 8.47 6.02
C GLY C 287 -19.15 9.63 6.58
N TYR C 288 -19.48 10.83 6.11
CA TYR C 288 -18.86 12.08 6.62
C TYR C 288 -19.10 12.31 8.12
N SER C 289 -20.24 11.85 8.64
CA SER C 289 -20.65 12.05 10.04
C SER C 289 -19.71 11.37 11.04
N ILE C 290 -19.20 10.20 10.65
CA ILE C 290 -18.25 9.45 11.47
C ILE C 290 -17.03 10.33 11.79
N PRO C 291 -16.74 10.52 13.08
CA PRO C 291 -15.62 11.38 13.47
C PRO C 291 -14.27 10.93 12.92
N LYS C 292 -13.37 11.90 12.71
CA LYS C 292 -12.10 11.66 12.03
C LYS C 292 -11.20 10.57 12.60
N PRO C 293 -10.86 10.68 13.90
CA PRO C 293 -9.90 9.71 14.49
C PRO C 293 -10.42 8.26 14.53
N ILE C 294 -11.75 8.11 14.40
CA ILE C 294 -12.40 6.82 14.23
C ILE C 294 -12.37 6.34 12.80
N SER C 295 -12.64 7.23 11.85
CA SER C 295 -12.47 6.89 10.42
C SER C 295 -10.99 6.62 10.07
N SER C 296 -10.06 7.23 10.80
CA SER C 296 -8.64 6.91 10.68
C SER C 296 -8.37 5.50 11.20
N LEU C 297 -8.99 5.15 12.33
CA LEU C 297 -8.90 3.79 12.82
C LEU C 297 -9.49 2.78 11.85
N LEU C 298 -10.60 3.11 11.20
CA LEU C 298 -11.25 2.15 10.30
C LEU C 298 -10.36 1.86 9.10
N ILE C 299 -10.02 2.92 8.38
CA ILE C 299 -9.22 2.85 7.18
C ILE C 299 -7.95 2.03 7.37
N ARG C 300 -7.28 2.23 8.50
CA ARG C 300 -6.07 1.49 8.83
C ARG C 300 -6.38 0.07 9.32
N GLY C 301 -7.29 -0.02 10.28
CA GLY C 301 -7.68 -1.31 10.86
C GLY C 301 -8.08 -2.37 9.85
N TRP C 302 -8.81 -1.97 8.82
CA TRP C 302 -9.19 -2.90 7.75
C TRP C 302 -8.38 -2.70 6.44
N ASN C 303 -7.16 -2.20 6.59
CA ASN C 303 -6.20 -2.17 5.48
C ASN C 303 -6.02 -3.56 4.94
N ALA C 304 -6.02 -3.69 3.62
CA ALA C 304 -5.72 -4.99 3.01
C ALA C 304 -4.36 -5.51 3.45
N CYS C 305 -3.41 -4.61 3.59
CA CYS C 305 -2.09 -4.95 4.12
C CYS C 305 -2.08 -5.15 5.66
N PRO C 306 -1.86 -6.39 6.12
CA PRO C 306 -1.88 -6.61 7.58
C PRO C 306 -0.88 -5.70 8.33
N GLU C 307 0.31 -5.54 7.77
CA GLU C 307 1.33 -4.64 8.37
C GLU C 307 0.85 -3.17 8.53
N GLY C 308 -0.15 -2.78 7.75
CA GLY C 308 -0.73 -1.43 7.85
C GLY C 308 -1.73 -1.23 8.98
N ARG C 309 -2.18 -2.31 9.60
CA ARG C 309 -3.18 -2.19 10.65
C ARG C 309 -2.50 -1.88 11.97
N PRO C 310 -3.14 -1.08 12.83
CA PRO C 310 -2.50 -0.77 14.11
C PRO C 310 -2.54 -1.93 15.11
N GLU C 311 -1.61 -1.90 16.07
CA GLU C 311 -1.65 -2.77 17.23
C GLU C 311 -2.81 -2.33 18.13
N PHE C 312 -3.39 -3.26 18.87
CA PHE C 312 -4.46 -2.85 19.75
C PHE C 312 -4.04 -1.87 20.83
N SER C 313 -2.80 -1.93 21.30
CA SER C 313 -2.35 -0.93 22.28
C SER C 313 -2.56 0.49 21.74
N GLU C 314 -2.38 0.66 20.42
CA GLU C 314 -2.60 1.94 19.75
C GLU C 314 -4.08 2.22 19.54
N VAL C 315 -4.85 1.19 19.22
CA VAL C 315 -6.29 1.36 19.06
C VAL C 315 -6.86 1.89 20.37
N VAL C 316 -6.43 1.30 21.48
CA VAL C 316 -6.93 1.73 22.78
C VAL C 316 -6.67 3.22 22.97
N MET C 317 -5.39 3.58 22.85
CA MET C 317 -4.87 4.95 22.98
C MET C 317 -5.68 5.99 22.21
N LYS C 318 -5.97 5.71 20.94
CA LYS C 318 -6.73 6.64 20.11
C LYS C 318 -8.17 6.77 20.58
N LEU C 319 -8.76 5.68 21.03
CA LEU C 319 -10.14 5.71 21.49
C LEU C 319 -10.26 6.35 22.87
N GLU C 320 -9.29 6.09 23.74
CA GLU C 320 -9.25 6.76 25.04
C GLU C 320 -9.21 8.29 24.83
N GLU C 321 -8.31 8.77 23.96
CA GLU C 321 -8.28 10.17 23.56
C GLU C 321 -9.67 10.69 23.22
N CYS C 322 -10.36 10.02 22.31
CA CYS C 322 -11.71 10.43 21.93
C CYS C 322 -12.67 10.55 23.10
N LEU C 323 -12.55 9.66 24.07
CA LEU C 323 -13.41 9.74 25.24
C LEU C 323 -13.11 11.03 26.02
N CYS C 324 -11.85 11.42 26.12
CA CYS C 324 -11.50 12.72 26.71
C CYS C 324 -12.17 13.89 25.97
N ASN C 325 -12.03 13.92 24.65
CA ASN C 325 -12.53 15.04 23.83
C ASN C 325 -14.04 15.11 23.60
N ILE C 326 -14.83 14.25 24.26
CA ILE C 326 -16.29 14.39 24.20
C ILE C 326 -16.73 15.50 25.14
N GLY D 51 0.90 -47.72 -8.11
CA GLY D 51 0.40 -47.91 -9.52
C GLY D 51 0.75 -46.83 -10.57
N LEU D 52 2.00 -46.32 -10.54
CA LEU D 52 2.59 -45.63 -11.70
C LEU D 52 2.85 -46.69 -12.77
N PRO D 53 2.32 -46.52 -13.98
CA PRO D 53 2.44 -47.63 -14.93
C PRO D 53 3.86 -48.16 -15.08
N SER D 54 3.97 -49.48 -15.21
CA SER D 54 5.27 -50.17 -15.17
C SER D 54 6.25 -49.69 -16.25
N HIS D 55 5.74 -49.27 -17.40
CA HIS D 55 6.63 -48.79 -18.46
C HIS D 55 7.36 -47.46 -18.11
N PHE D 56 6.85 -46.73 -17.12
CA PHE D 56 7.52 -45.55 -16.61
C PHE D 56 8.52 -45.84 -15.49
N HIS D 57 8.54 -47.04 -14.93
CA HIS D 57 9.54 -47.40 -13.92
C HIS D 57 10.96 -47.41 -14.51
N LEU D 58 11.92 -46.90 -13.74
CA LEU D 58 13.31 -46.85 -14.17
C LEU D 58 14.21 -47.45 -13.12
N GLN D 59 15.28 -48.07 -13.59
CA GLN D 59 16.41 -48.41 -12.73
C GLN D 59 17.47 -47.33 -12.92
N LEU D 60 18.24 -47.09 -11.87
CA LEU D 60 19.29 -46.09 -11.94
C LEU D 60 20.30 -46.46 -13.03
N SER D 61 20.53 -47.76 -13.23
CA SER D 61 21.44 -48.26 -14.27
C SER D 61 21.05 -47.87 -15.71
N GLU D 62 19.82 -47.38 -15.92
CA GLU D 62 19.35 -46.95 -17.26
C GLU D 62 19.65 -45.50 -17.57
N ILE D 63 20.12 -44.76 -16.57
CA ILE D 63 20.42 -43.34 -16.69
C ILE D 63 21.93 -43.09 -16.70
N GLU D 64 22.44 -42.43 -17.75
CA GLU D 64 23.79 -41.84 -17.69
C GLU D 64 23.64 -40.43 -17.13
N PHE D 65 24.36 -40.12 -16.05
CA PHE D 65 24.43 -38.75 -15.56
C PHE D 65 25.60 -38.05 -16.25
N HIS D 66 25.39 -36.83 -16.71
CA HIS D 66 26.48 -35.98 -17.22
C HIS D 66 26.60 -34.77 -16.28
N GLU D 67 26.75 -33.58 -16.82
CA GLU D 67 26.88 -32.38 -15.98
C GLU D 67 25.66 -32.13 -15.08
N ILE D 68 25.86 -31.32 -14.06
CA ILE D 68 24.79 -30.84 -13.21
C ILE D 68 24.27 -29.59 -13.88
N ILE D 69 22.97 -29.33 -13.80
CA ILE D 69 22.40 -28.12 -14.42
C ILE D 69 21.63 -27.24 -13.44
N GLY D 70 21.51 -27.66 -12.19
CA GLY D 70 20.79 -26.89 -11.17
C GLY D 70 20.83 -27.57 -9.82
N SER D 71 20.46 -26.83 -8.76
CA SER D 71 20.48 -27.37 -7.40
C SER D 71 19.68 -26.52 -6.42
N GLY D 72 18.88 -27.19 -5.59
CA GLY D 72 18.11 -26.49 -4.55
C GLY D 72 17.88 -27.34 -3.31
N SER D 73 16.82 -27.00 -2.56
CA SER D 73 16.41 -27.76 -1.39
C SER D 73 16.03 -29.20 -1.77
N PHE D 74 15.13 -29.32 -2.75
CA PHE D 74 14.74 -30.62 -3.34
C PHE D 74 15.89 -31.63 -3.57
N GLY D 75 17.05 -31.12 -3.98
CA GLY D 75 18.21 -31.94 -4.35
C GLY D 75 18.93 -31.30 -5.53
N LYS D 76 19.24 -32.10 -6.55
CA LYS D 76 19.98 -31.65 -7.74
C LYS D 76 19.33 -32.10 -9.08
N VAL D 77 19.57 -31.33 -10.14
CA VAL D 77 19.06 -31.61 -11.50
C VAL D 77 20.26 -31.78 -12.42
N TYR D 78 20.26 -32.82 -13.26
CA TYR D 78 21.37 -33.10 -14.20
C TYR D 78 20.88 -33.11 -15.64
N LYS D 79 21.82 -32.95 -16.55
CA LYS D 79 21.63 -33.34 -17.94
C LYS D 79 22.16 -34.75 -17.99
N GLY D 80 21.64 -35.56 -18.92
CA GLY D 80 22.00 -36.95 -18.99
C GLY D 80 21.44 -37.67 -20.21
N ARG D 81 21.48 -38.99 -20.16
CA ARG D 81 21.02 -39.82 -21.26
C ARG D 81 20.22 -40.98 -20.71
N CYS D 82 19.08 -41.25 -21.34
CA CYS D 82 18.19 -42.33 -20.87
C CYS D 82 17.19 -42.72 -21.96
N ARG D 83 17.04 -44.04 -22.13
CA ARG D 83 16.22 -44.66 -23.19
C ARG D 83 16.37 -43.98 -24.56
N ASN D 84 17.63 -43.78 -24.91
CA ASN D 84 18.01 -43.29 -26.24
C ASN D 84 17.68 -41.82 -26.49
N LYS D 85 17.52 -41.03 -25.41
CA LYS D 85 17.17 -39.61 -25.48
C LYS D 85 18.06 -38.76 -24.57
N ILE D 86 18.26 -37.49 -24.94
CA ILE D 86 18.92 -36.55 -24.02
C ILE D 86 17.88 -36.09 -22.98
N VAL D 87 18.24 -36.20 -21.71
CA VAL D 87 17.27 -36.03 -20.64
C VAL D 87 17.70 -35.05 -19.55
N ALA D 88 16.72 -34.58 -18.79
CA ALA D 88 16.97 -33.89 -17.55
C ALA D 88 16.53 -34.80 -16.41
N ILE D 89 17.34 -34.89 -15.35
CA ILE D 89 17.06 -35.79 -14.23
C ILE D 89 16.98 -35.04 -12.89
N LYS D 90 15.78 -34.92 -12.31
CA LYS D 90 15.65 -34.31 -10.98
CA LYS D 90 15.65 -34.31 -10.98
C LYS D 90 15.93 -35.38 -9.92
N ARG D 91 17.11 -35.31 -9.30
CA ARG D 91 17.51 -36.27 -8.25
C ARG D 91 17.26 -35.71 -6.84
N TYR D 92 16.89 -36.58 -5.90
CA TYR D 92 16.63 -36.19 -4.51
C TYR D 92 17.76 -36.65 -3.57
N SER D 101 6.66 -36.94 4.53
CA SER D 101 6.49 -35.52 4.22
C SER D 101 6.98 -35.20 2.81
N ASP D 102 8.29 -35.40 2.59
CA ASP D 102 8.94 -35.15 1.28
C ASP D 102 8.64 -36.25 0.25
N VAL D 103 8.14 -37.39 0.74
CA VAL D 103 7.85 -38.57 -0.08
C VAL D 103 6.46 -38.49 -0.72
N ASP D 104 5.50 -37.87 -0.03
CA ASP D 104 4.18 -37.61 -0.61
C ASP D 104 4.29 -36.64 -1.78
N MET D 105 5.14 -35.63 -1.61
CA MET D 105 5.42 -34.64 -2.66
C MET D 105 5.96 -35.26 -3.93
N PHE D 106 6.95 -36.14 -3.78
CA PHE D 106 7.52 -36.88 -4.90
C PHE D 106 6.47 -37.74 -5.61
N CYS D 107 5.63 -38.41 -4.83
CA CYS D 107 4.60 -39.28 -5.38
C CYS D 107 3.62 -38.50 -6.20
N ARG D 108 3.23 -37.33 -5.68
CA ARG D 108 2.30 -36.44 -6.35
C ARG D 108 2.87 -35.96 -7.68
N GLU D 109 4.08 -35.44 -7.68
CA GLU D 109 4.70 -34.95 -8.91
C GLU D 109 4.78 -36.04 -10.00
N VAL D 110 5.15 -37.25 -9.61
CA VAL D 110 5.18 -38.39 -10.53
C VAL D 110 3.80 -38.71 -11.05
N SER D 111 2.81 -38.69 -10.15
CA SER D 111 1.42 -38.98 -10.52
C SER D 111 0.97 -38.11 -11.65
N ILE D 112 1.39 -36.85 -11.55
CA ILE D 112 0.96 -35.83 -12.48
C ILE D 112 1.73 -35.92 -13.78
N LEU D 113 3.06 -36.04 -13.68
CA LEU D 113 3.90 -36.19 -14.88
C LEU D 113 3.52 -37.37 -15.79
N CYS D 114 3.10 -38.49 -15.22
CA CYS D 114 2.71 -39.64 -16.04
C CYS D 114 1.39 -39.42 -16.79
N GLN D 115 0.60 -38.43 -16.38
CA GLN D 115 -0.59 -37.99 -17.13
C GLN D 115 -0.32 -37.19 -18.40
N LEU D 116 0.87 -36.63 -18.55
CA LEU D 116 1.07 -35.56 -19.53
C LEU D 116 1.38 -36.09 -20.92
N ASN D 117 0.63 -35.64 -21.90
CA ASN D 117 0.94 -35.88 -23.29
C ASN D 117 0.41 -34.74 -24.18
N HIS D 118 1.25 -33.72 -24.32
CA HIS D 118 0.96 -32.57 -25.16
C HIS D 118 2.30 -31.99 -25.56
N PRO D 119 2.40 -31.45 -26.79
CA PRO D 119 3.68 -30.88 -27.28
C PRO D 119 4.18 -29.59 -26.59
N CYS D 120 3.29 -28.94 -25.82
CA CYS D 120 3.58 -27.68 -25.11
C CYS D 120 3.77 -27.90 -23.60
N VAL D 121 3.96 -29.16 -23.22
CA VAL D 121 4.17 -29.56 -21.84
C VAL D 121 5.40 -30.48 -21.86
N ILE D 122 6.13 -30.53 -20.74
CA ILE D 122 7.35 -31.31 -20.67
C ILE D 122 7.03 -32.82 -20.91
N GLN D 123 7.90 -33.54 -21.63
CA GLN D 123 7.71 -34.97 -21.93
C GLN D 123 8.33 -35.83 -20.85
N PHE D 124 7.48 -36.51 -20.09
CA PHE D 124 7.93 -37.45 -19.09
C PHE D 124 8.54 -38.71 -19.74
N VAL D 125 9.61 -39.21 -19.14
CA VAL D 125 10.32 -40.41 -19.62
C VAL D 125 10.15 -41.56 -18.62
N GLY D 126 10.26 -41.24 -17.34
CA GLY D 126 10.03 -42.20 -16.29
C GLY D 126 10.49 -41.69 -14.94
N ALA D 127 10.35 -42.53 -13.92
CA ALA D 127 10.82 -42.20 -12.59
C ALA D 127 11.42 -43.44 -11.92
N CYS D 128 12.47 -43.24 -11.14
CA CYS D 128 13.05 -44.32 -10.35
C CYS D 128 12.36 -44.34 -8.99
N LEU D 129 11.92 -45.53 -8.57
CA LEU D 129 11.22 -45.70 -7.29
C LEU D 129 11.84 -46.72 -6.34
N ASN D 130 12.97 -47.35 -6.70
CA ASN D 130 13.58 -48.39 -5.87
C ASN D 130 13.55 -48.10 -4.36
N ASP D 131 14.35 -47.13 -3.92
CA ASP D 131 14.36 -46.71 -2.50
C ASP D 131 14.35 -45.18 -2.43
N PRO D 132 13.97 -44.62 -1.26
CA PRO D 132 13.89 -43.15 -1.10
C PRO D 132 15.14 -42.36 -1.50
N SER D 133 16.33 -42.93 -1.30
CA SER D 133 17.61 -42.27 -1.63
C SER D 133 18.07 -42.47 -3.09
N GLN D 134 17.22 -43.09 -3.91
CA GLN D 134 17.46 -43.19 -5.35
C GLN D 134 16.36 -42.51 -6.18
N PHE D 135 15.39 -41.87 -5.52
CA PHE D 135 14.29 -41.22 -6.22
C PHE D 135 14.81 -40.28 -7.30
N ALA D 136 14.22 -40.37 -8.49
CA ALA D 136 14.58 -39.50 -9.59
C ALA D 136 13.42 -39.34 -10.56
N ILE D 137 13.29 -38.14 -11.11
CA ILE D 137 12.37 -37.89 -12.22
C ILE D 137 13.15 -37.54 -13.50
N VAL D 138 12.88 -38.28 -14.57
CA VAL D 138 13.55 -38.07 -15.86
C VAL D 138 12.56 -37.48 -16.86
N THR D 139 13.01 -36.48 -17.64
CA THR D 139 12.21 -35.85 -18.70
C THR D 139 13.08 -35.53 -19.93
N GLN D 140 12.44 -35.24 -21.07
CA GLN D 140 13.18 -34.77 -22.24
C GLN D 140 14.01 -33.56 -21.83
N TYR D 141 15.24 -33.52 -22.33
CA TYR D 141 16.09 -32.34 -22.20
C TYR D 141 15.67 -31.37 -23.28
N ILE D 142 15.69 -30.09 -22.94
CA ILE D 142 15.28 -29.01 -23.81
C ILE D 142 16.43 -28.00 -23.86
N SER D 143 17.07 -27.90 -25.02
CA SER D 143 18.44 -27.35 -25.10
C SER D 143 18.52 -25.83 -25.20
N GLY D 144 17.40 -25.16 -25.52
CA GLY D 144 17.37 -23.71 -25.70
C GLY D 144 17.29 -22.87 -24.44
N GLY D 145 17.23 -23.50 -23.28
CA GLY D 145 17.25 -22.76 -22.01
C GLY D 145 15.89 -22.27 -21.54
N SER D 146 15.89 -21.68 -20.35
CA SER D 146 14.67 -21.08 -19.82
C SER D 146 14.35 -19.83 -20.60
N LEU D 147 13.07 -19.49 -20.65
CA LEU D 147 12.62 -18.16 -21.08
C LEU D 147 13.28 -17.04 -20.25
N PHE D 148 13.51 -17.30 -18.95
CA PHE D 148 14.11 -16.33 -18.01
C PHE D 148 15.53 -15.93 -18.38
N SER D 149 16.32 -16.90 -18.82
CA SER D 149 17.66 -16.61 -19.31
C SER D 149 17.62 -15.80 -20.61
N LEU D 150 16.72 -16.15 -21.52
CA LEU D 150 16.70 -15.50 -22.82
C LEU D 150 16.39 -13.99 -22.70
N LEU D 151 15.36 -13.66 -21.94
CA LEU D 151 14.92 -12.28 -21.80
C LEU D 151 15.79 -11.44 -20.84
N HIS D 152 16.24 -12.02 -19.73
CA HIS D 152 16.92 -11.26 -18.67
C HIS D 152 18.44 -11.50 -18.47
N GLU D 153 18.99 -12.53 -19.10
CA GLU D 153 20.44 -12.79 -19.03
C GLU D 153 21.10 -12.57 -20.40
N GLN D 154 20.79 -13.40 -21.40
CA GLN D 154 21.29 -13.22 -22.78
C GLN D 154 20.75 -11.94 -23.43
N LYS D 155 19.52 -11.60 -23.06
CA LYS D 155 18.77 -10.44 -23.59
C LYS D 155 18.72 -10.38 -25.12
N ARG D 156 18.38 -11.51 -25.73
CA ARG D 156 18.20 -11.61 -27.16
C ARG D 156 17.01 -10.74 -27.56
N ILE D 157 17.11 -10.08 -28.73
CA ILE D 157 16.04 -9.22 -29.22
C ILE D 157 15.07 -10.01 -30.06
N LEU D 158 13.81 -10.05 -29.62
CA LEU D 158 12.78 -10.83 -30.28
C LEU D 158 11.77 -9.93 -31.00
N ASP D 159 11.50 -10.26 -32.26
CA ASP D 159 10.39 -9.68 -33.00
C ASP D 159 9.08 -10.09 -32.36
N LEU D 160 8.00 -9.43 -32.74
CA LEU D 160 6.69 -9.71 -32.15
C LEU D 160 6.20 -11.13 -32.43
N GLN D 161 6.51 -11.67 -33.61
CA GLN D 161 6.06 -13.01 -33.98
C GLN D 161 6.63 -14.10 -33.06
N SER D 162 7.91 -13.97 -32.71
CA SER D 162 8.60 -14.95 -31.87
C SER D 162 8.06 -14.92 -30.44
N LYS D 163 7.74 -13.72 -29.97
CA LYS D 163 7.18 -13.56 -28.64
C LYS D 163 5.81 -14.22 -28.52
N LEU D 164 5.02 -14.16 -29.60
CA LEU D 164 3.67 -14.70 -29.58
C LEU D 164 3.66 -16.20 -29.79
N ILE D 165 4.62 -16.71 -30.53
CA ILE D 165 4.77 -18.16 -30.64
C ILE D 165 5.04 -18.74 -29.27
N ILE D 166 5.90 -18.08 -28.50
CA ILE D 166 6.18 -18.51 -27.15
C ILE D 166 4.92 -18.41 -26.28
N ALA D 167 4.28 -17.25 -26.29
CA ALA D 167 3.10 -17.00 -25.46
C ALA D 167 1.96 -17.96 -25.77
N VAL D 168 1.78 -18.27 -27.06
CA VAL D 168 0.71 -19.14 -27.49
C VAL D 168 0.98 -20.57 -27.07
N ASP D 169 2.21 -21.01 -27.26
CA ASP D 169 2.60 -22.36 -26.86
C ASP D 169 2.38 -22.57 -25.36
N VAL D 170 2.76 -21.58 -24.57
CA VAL D 170 2.56 -21.67 -23.12
C VAL D 170 1.05 -21.70 -22.81
N ALA D 171 0.27 -20.89 -23.51
CA ALA D 171 -1.18 -20.87 -23.29
C ALA D 171 -1.81 -22.21 -23.64
N LYS D 172 -1.35 -22.83 -24.71
CA LYS D 172 -1.88 -24.13 -25.14
C LYS D 172 -1.58 -25.21 -24.13
N GLY D 173 -0.34 -25.24 -23.65
CA GLY D 173 0.05 -26.15 -22.58
C GLY D 173 -0.84 -26.03 -21.36
N MET D 174 -1.11 -24.79 -20.96
CA MET D 174 -1.95 -24.52 -19.81
C MET D 174 -3.40 -24.89 -20.08
N GLU D 175 -3.89 -24.65 -21.30
CA GLU D 175 -5.27 -25.04 -21.65
C GLU D 175 -5.38 -26.56 -21.58
N TYR D 176 -4.33 -27.25 -22.04
CA TYR D 176 -4.30 -28.72 -22.01
C TYR D 176 -4.43 -29.21 -20.57
N LEU D 177 -3.58 -28.67 -19.69
CA LEU D 177 -3.63 -28.99 -18.26
C LEU D 177 -5.00 -28.75 -17.62
N HIS D 178 -5.64 -27.63 -17.96
CA HIS D 178 -6.86 -27.22 -17.26
C HIS D 178 -8.08 -27.95 -17.75
N ASN D 179 -7.98 -28.60 -18.91
CA ASN D 179 -9.12 -29.27 -19.51
C ASN D 179 -9.07 -30.80 -19.51
N LEU D 180 -8.05 -31.39 -18.90
CA LEU D 180 -8.03 -32.84 -18.62
C LEU D 180 -9.26 -33.20 -17.81
N THR D 181 -9.76 -34.45 -17.90
CA THR D 181 -10.97 -34.81 -17.13
C THR D 181 -10.68 -34.74 -15.62
N GLN D 182 -9.40 -34.88 -15.25
CA GLN D 182 -8.92 -34.63 -13.91
C GLN D 182 -7.88 -33.47 -13.99
N PRO D 183 -8.36 -32.21 -13.97
CA PRO D 183 -7.57 -31.00 -14.22
C PRO D 183 -6.35 -30.84 -13.34
N ILE D 184 -5.28 -30.29 -13.92
CA ILE D 184 -4.03 -30.05 -13.20
C ILE D 184 -3.77 -28.54 -13.07
N ILE D 185 -3.31 -28.11 -11.90
CA ILE D 185 -2.90 -26.74 -11.68
C ILE D 185 -1.37 -26.71 -11.58
N HIS D 186 -0.72 -25.86 -12.34
CA HIS D 186 0.74 -25.86 -12.34
C HIS D 186 1.27 -25.29 -11.01
N ARG D 187 0.77 -24.11 -10.59
CA ARG D 187 1.06 -23.45 -9.30
C ARG D 187 2.42 -22.80 -9.19
N ASP D 188 3.09 -22.67 -10.30
CA ASP D 188 4.45 -22.16 -10.30
C ASP D 188 4.83 -21.74 -11.69
N LEU D 189 3.87 -21.23 -12.44
CA LEU D 189 4.16 -20.81 -13.77
C LEU D 189 4.97 -19.52 -13.70
N ASN D 190 6.20 -19.58 -14.19
CA ASN D 190 7.01 -18.39 -14.37
C ASN D 190 7.97 -18.63 -15.52
N SER D 191 8.79 -17.64 -15.83
CA SER D 191 9.74 -17.76 -16.93
C SER D 191 10.90 -18.75 -16.70
N HIS D 192 11.23 -19.06 -15.44
CA HIS D 192 12.23 -20.13 -15.14
C HIS D 192 11.71 -21.50 -15.58
N ASN D 193 10.40 -21.70 -15.47
CA ASN D 193 9.78 -23.00 -15.76
C ASN D 193 9.13 -23.05 -17.15
N ILE D 194 9.42 -22.08 -17.99
CA ILE D 194 9.10 -22.19 -19.41
C ILE D 194 10.44 -22.43 -20.12
N LEU D 195 10.52 -23.54 -20.83
CA LEU D 195 11.73 -23.93 -21.54
C LEU D 195 11.52 -23.74 -23.01
N LEU D 196 12.61 -23.52 -23.72
CA LEU D 196 12.59 -23.16 -25.14
C LEU D 196 13.37 -24.16 -25.99
N TYR D 197 12.72 -24.75 -26.99
CA TYR D 197 13.42 -25.51 -28.02
C TYR D 197 14.15 -24.47 -28.85
N GLU D 198 15.09 -24.93 -29.69
CA GLU D 198 15.88 -24.00 -30.51
C GLU D 198 15.09 -23.42 -31.70
N ASP D 199 14.04 -24.10 -32.16
CA ASP D 199 13.13 -23.54 -33.18
C ASP D 199 12.21 -22.42 -32.65
N GLY D 200 12.38 -22.01 -31.41
CA GLY D 200 11.62 -20.88 -30.87
C GLY D 200 10.28 -21.26 -30.23
N HIS D 201 9.92 -22.55 -30.30
CA HIS D 201 8.75 -23.08 -29.62
C HIS D 201 9.04 -23.35 -28.14
N ALA D 202 7.99 -23.51 -27.34
CA ALA D 202 8.13 -23.49 -25.90
C ALA D 202 7.29 -24.54 -25.20
N VAL D 203 7.78 -25.00 -24.04
CA VAL D 203 7.01 -25.92 -23.23
C VAL D 203 7.01 -25.51 -21.76
N VAL D 204 5.87 -25.74 -21.11
CA VAL D 204 5.76 -25.63 -19.66
C VAL D 204 6.48 -26.81 -18.96
N ALA D 205 7.31 -26.52 -17.95
CA ALA D 205 8.04 -27.56 -17.21
C ALA D 205 7.93 -27.40 -15.69
N ASP D 206 8.64 -28.27 -14.98
CA ASP D 206 8.75 -28.24 -13.51
C ASP D 206 7.39 -28.31 -12.81
N PHE D 207 6.83 -29.51 -12.77
CA PHE D 207 5.57 -29.76 -12.10
C PHE D 207 5.75 -30.07 -10.59
N GLY D 208 6.78 -29.47 -9.99
CA GLY D 208 7.14 -29.73 -8.59
C GLY D 208 6.14 -29.26 -7.56
N GLU D 209 5.42 -28.18 -7.90
CA GLU D 209 4.37 -27.59 -7.07
C GLU D 209 2.97 -27.92 -7.57
N SER D 210 2.85 -28.79 -8.57
CA SER D 210 1.56 -29.00 -9.26
C SER D 210 0.58 -29.86 -8.51
N ARG D 211 -0.68 -29.47 -8.50
CA ARG D 211 -1.72 -30.17 -7.76
C ARG D 211 -2.82 -30.58 -8.76
N PHE D 212 -3.53 -31.65 -8.44
CA PHE D 212 -4.77 -32.00 -9.13
C PHE D 212 -5.83 -31.08 -8.57
N LEU D 213 -6.68 -30.52 -9.41
CA LEU D 213 -7.73 -29.62 -8.94
C LEU D 213 -8.66 -30.39 -7.98
N GLN D 214 -8.83 -29.86 -6.77
CA GLN D 214 -9.65 -30.52 -5.72
C GLN D 214 -11.14 -30.22 -5.93
N SER D 215 -11.98 -31.27 -5.83
CA SER D 215 -13.44 -31.14 -5.95
C SER D 215 -14.06 -30.68 -4.64
N GLY D 226 -21.78 -17.08 9.26
CA GLY D 226 -21.54 -16.24 10.45
C GLY D 226 -20.22 -15.47 10.43
N ASN D 227 -19.12 -16.16 10.71
CA ASN D 227 -17.82 -15.52 10.90
C ASN D 227 -17.08 -15.11 9.63
N LEU D 228 -17.60 -15.48 8.46
CA LEU D 228 -16.96 -15.08 7.19
C LEU D 228 -17.14 -13.59 6.95
N ARG D 229 -18.22 -13.02 7.48
CA ARG D 229 -18.54 -11.62 7.30
C ARG D 229 -17.58 -10.69 8.01
N TRP D 230 -16.96 -11.17 9.07
CA TRP D 230 -16.03 -10.40 9.88
C TRP D 230 -14.58 -10.83 9.68
N MET D 231 -14.34 -11.63 8.66
CA MET D 231 -13.06 -12.27 8.46
C MET D 231 -12.10 -11.37 7.71
N ALA D 232 -10.84 -11.35 8.15
CA ALA D 232 -9.74 -10.80 7.37
C ALA D 232 -9.60 -11.54 6.05
N PRO D 233 -9.38 -10.83 4.94
CA PRO D 233 -9.13 -11.37 3.61
C PRO D 233 -8.06 -12.44 3.53
N GLU D 234 -6.95 -12.24 4.23
CA GLU D 234 -5.88 -13.22 4.21
C GLU D 234 -6.28 -14.53 4.93
N VAL D 235 -7.27 -14.43 5.82
CA VAL D 235 -7.82 -15.62 6.43
C VAL D 235 -8.85 -16.25 5.48
N PHE D 236 -9.78 -15.45 4.98
CA PHE D 236 -10.73 -15.92 3.95
C PHE D 236 -10.07 -16.66 2.80
N THR D 237 -8.98 -16.11 2.32
CA THR D 237 -8.20 -16.71 1.24
C THR D 237 -7.53 -18.03 1.62
N GLN D 238 -7.09 -18.18 2.87
CA GLN D 238 -6.55 -19.47 3.35
C GLN D 238 -7.64 -20.52 3.53
N CYS D 239 -8.87 -20.08 3.78
CA CYS D 239 -10.06 -20.94 3.89
C CYS D 239 -10.62 -21.44 2.57
N THR D 240 -10.03 -21.02 1.46
CA THR D 240 -10.64 -21.24 0.14
C THR D 240 -9.76 -22.14 -0.72
N ARG D 241 -10.42 -22.99 -1.51
CA ARG D 241 -9.75 -23.96 -2.38
C ARG D 241 -8.99 -23.26 -3.50
N TYR D 242 -7.70 -23.56 -3.63
CA TYR D 242 -6.87 -23.10 -4.77
C TYR D 242 -7.53 -23.41 -6.15
N THR D 243 -7.56 -22.42 -7.06
CA THR D 243 -8.18 -22.57 -8.40
C THR D 243 -7.25 -22.46 -9.62
N ILE D 244 -7.77 -22.89 -10.76
CA ILE D 244 -7.06 -22.76 -12.03
C ILE D 244 -6.85 -21.33 -12.45
N LYS D 245 -7.65 -20.43 -11.92
CA LYS D 245 -7.51 -19.05 -12.27
C LYS D 245 -6.24 -18.43 -11.71
N ALA D 246 -5.62 -19.07 -10.74
CA ALA D 246 -4.34 -18.59 -10.22
C ALA D 246 -3.22 -18.79 -11.24
N ASP D 247 -3.32 -19.83 -12.06
CA ASP D 247 -2.36 -20.06 -13.14
C ASP D 247 -2.46 -18.97 -14.22
N VAL D 248 -3.67 -18.47 -14.44
CA VAL D 248 -3.94 -17.42 -15.43
C VAL D 248 -3.26 -16.10 -15.05
N PHE D 249 -3.31 -15.78 -13.75
CA PHE D 249 -2.66 -14.59 -13.21
C PHE D 249 -1.14 -14.70 -13.40
N SER D 250 -0.59 -15.83 -13.01
CA SER D 250 0.84 -16.08 -13.15
C SER D 250 1.22 -15.96 -14.62
N TYR D 251 0.35 -16.46 -15.50
CA TYR D 251 0.57 -16.38 -16.93
C TYR D 251 0.54 -14.95 -17.41
N ALA D 252 -0.45 -14.20 -16.92
CA ALA D 252 -0.54 -12.77 -17.25
C ALA D 252 0.81 -12.07 -17.06
N LEU D 253 1.44 -12.27 -15.92
CA LEU D 253 2.76 -11.67 -15.68
C LEU D 253 3.79 -12.17 -16.66
N CYS D 254 3.78 -13.48 -16.96
CA CYS D 254 4.69 -14.04 -17.98
C CYS D 254 4.48 -13.38 -19.35
N LEU D 255 3.23 -13.12 -19.74
CA LEU D 255 2.95 -12.52 -21.04
C LEU D 255 3.47 -11.07 -21.12
N TRP D 256 3.24 -10.30 -20.06
CA TRP D 256 3.82 -8.95 -19.96
C TRP D 256 5.34 -9.04 -19.99
N GLU D 257 5.89 -9.96 -19.19
CA GLU D 257 7.32 -10.23 -19.12
C GLU D 257 7.93 -10.59 -20.47
N ILE D 258 7.17 -11.30 -21.30
CA ILE D 258 7.59 -11.65 -22.66
C ILE D 258 7.62 -10.42 -23.58
N LEU D 259 6.57 -9.60 -23.54
CA LEU D 259 6.43 -8.46 -24.44
C LEU D 259 7.38 -7.30 -24.11
N THR D 260 7.56 -7.01 -22.82
CA THR D 260 8.48 -5.94 -22.39
C THR D 260 9.95 -6.39 -22.39
N GLY D 261 10.19 -7.65 -22.04
CA GLY D 261 11.55 -8.17 -21.88
C GLY D 261 12.08 -7.90 -20.47
N GLU D 262 11.19 -7.54 -19.56
CA GLU D 262 11.55 -7.09 -18.22
C GLU D 262 10.97 -8.01 -17.16
N ILE D 263 11.65 -8.07 -16.02
CA ILE D 263 11.14 -8.78 -14.84
C ILE D 263 10.01 -7.96 -14.19
N PRO D 264 8.82 -8.57 -14.00
CA PRO D 264 7.82 -7.79 -13.29
C PRO D 264 8.41 -7.20 -12.01
N PHE D 265 8.24 -5.91 -11.80
CA PHE D 265 8.71 -5.26 -10.59
C PHE D 265 10.21 -5.50 -10.41
N ALA D 266 10.99 -5.36 -11.47
CA ALA D 266 12.45 -5.64 -11.41
C ALA D 266 13.14 -5.01 -10.20
N HIS D 267 12.70 -3.81 -9.83
CA HIS D 267 13.26 -3.08 -8.70
C HIS D 267 12.92 -3.63 -7.31
N LEU D 268 11.93 -4.52 -7.21
CA LEU D 268 11.61 -5.14 -5.92
C LEU D 268 12.14 -6.56 -5.80
N LYS D 269 12.27 -7.02 -4.57
CA LYS D 269 12.52 -8.43 -4.30
C LYS D 269 11.17 -9.17 -4.37
N PRO D 270 11.21 -10.50 -4.53
CA PRO D 270 9.99 -11.26 -4.76
C PRO D 270 8.85 -10.91 -3.80
N ALA D 271 9.13 -10.96 -2.51
CA ALA D 271 8.08 -10.84 -1.49
C ALA D 271 7.51 -9.43 -1.37
N ALA D 272 8.33 -8.45 -1.71
CA ALA D 272 7.89 -7.07 -1.76
C ALA D 272 6.89 -6.94 -2.90
N ALA D 273 7.25 -7.52 -4.04
CA ALA D 273 6.41 -7.54 -5.22
C ALA D 273 5.06 -8.21 -4.98
N ASP D 274 5.06 -9.43 -4.44
CA ASP D 274 3.80 -10.13 -4.18
C ASP D 274 2.88 -9.31 -3.27
N MET D 275 3.48 -8.58 -2.33
CA MET D 275 2.75 -7.69 -1.44
C MET D 275 2.20 -6.45 -2.16
N ASP D 276 3.01 -5.87 -3.06
CA ASP D 276 2.53 -4.72 -3.82
C ASP D 276 1.33 -5.13 -4.69
N MET D 277 1.39 -6.32 -5.28
CA MET D 277 0.31 -6.79 -6.14
C MET D 277 -0.94 -7.09 -5.35
N ALA D 278 -0.77 -7.79 -4.24
CA ALA D 278 -1.91 -8.27 -3.48
C ALA D 278 -2.57 -7.17 -2.65
N TYR D 279 -1.76 -6.40 -1.92
CA TYR D 279 -2.28 -5.49 -0.91
C TYR D 279 -2.59 -4.11 -1.44
N HIS D 280 -1.69 -3.59 -2.28
CA HIS D 280 -1.83 -2.25 -2.81
C HIS D 280 -2.25 -2.21 -4.32
N HIS D 281 -2.75 -3.33 -4.85
CA HIS D 281 -3.30 -3.45 -6.23
C HIS D 281 -2.39 -2.96 -7.39
N ILE D 282 -1.08 -2.85 -7.18
CA ILE D 282 -0.18 -2.41 -8.26
C ILE D 282 -0.01 -3.53 -9.28
N ARG D 283 0.15 -3.12 -10.53
CA ARG D 283 0.43 -4.04 -11.63
C ARG D 283 1.47 -3.43 -12.56
N PRO D 284 2.24 -4.28 -13.25
CA PRO D 284 3.28 -3.77 -14.13
C PRO D 284 2.71 -2.80 -15.12
N PRO D 285 3.43 -1.72 -15.43
CA PRO D 285 2.88 -0.72 -16.32
C PRO D 285 2.77 -1.20 -17.76
N ILE D 286 1.62 -0.91 -18.36
CA ILE D 286 1.38 -1.17 -19.77
C ILE D 286 1.65 0.11 -20.55
N GLY D 287 2.36 -0.02 -21.68
CA GLY D 287 2.65 1.12 -22.55
C GLY D 287 1.89 1.08 -23.87
N TYR D 288 2.06 2.12 -24.68
CA TYR D 288 1.59 2.12 -26.06
C TYR D 288 2.33 1.04 -26.84
N SER D 289 3.53 0.68 -26.36
CA SER D 289 4.27 -0.51 -26.77
C SER D 289 3.39 -1.73 -27.12
N ILE D 290 2.59 -2.16 -26.13
CA ILE D 290 1.79 -3.40 -26.20
C ILE D 290 0.43 -3.19 -26.88
N PRO D 291 0.16 -3.94 -27.99
CA PRO D 291 -1.07 -3.72 -28.77
C PRO D 291 -2.37 -3.93 -27.98
N LYS D 292 -3.39 -3.15 -28.31
CA LYS D 292 -4.63 -3.09 -27.53
C LYS D 292 -5.34 -4.45 -27.32
N PRO D 293 -5.32 -5.34 -28.32
CA PRO D 293 -5.96 -6.66 -28.12
C PRO D 293 -5.29 -7.48 -27.00
N ILE D 294 -3.98 -7.40 -26.92
CA ILE D 294 -3.22 -8.11 -25.89
C ILE D 294 -3.35 -7.45 -24.52
N SER D 295 -3.11 -6.15 -24.43
CA SER D 295 -3.22 -5.45 -23.14
C SER D 295 -4.58 -5.67 -22.46
N SER D 296 -5.63 -5.85 -23.26
CA SER D 296 -6.95 -6.16 -22.71
C SER D 296 -6.96 -7.51 -22.03
N LEU D 297 -6.25 -8.47 -22.63
CA LEU D 297 -6.03 -9.78 -22.00
C LEU D 297 -5.21 -9.68 -20.72
N LEU D 298 -4.16 -8.86 -20.72
CA LEU D 298 -3.34 -8.67 -19.52
C LEU D 298 -4.16 -8.17 -18.36
N ILE D 299 -5.01 -7.18 -18.63
CA ILE D 299 -5.79 -6.54 -17.57
C ILE D 299 -6.81 -7.49 -16.97
N ARG D 300 -7.48 -8.27 -17.81
CA ARG D 300 -8.36 -9.32 -17.27
C ARG D 300 -7.54 -10.46 -16.62
N GLY D 301 -6.47 -10.87 -17.29
CA GLY D 301 -5.55 -11.88 -16.78
C GLY D 301 -5.09 -11.70 -15.34
N TRP D 302 -4.71 -10.47 -14.97
CA TRP D 302 -4.24 -10.21 -13.58
C TRP D 302 -5.21 -9.45 -12.69
N ASN D 303 -6.48 -9.54 -13.04
CA ASN D 303 -7.56 -9.03 -12.21
C ASN D 303 -7.50 -9.62 -10.82
N ALA D 304 -7.58 -8.76 -9.82
CA ALA D 304 -7.64 -9.18 -8.43
C ALA D 304 -8.66 -10.30 -8.18
N CYS D 305 -9.83 -10.21 -8.80
CA CYS D 305 -10.89 -11.20 -8.64
C CYS D 305 -10.63 -12.35 -9.61
N PRO D 306 -10.36 -13.57 -9.09
CA PRO D 306 -10.16 -14.75 -9.94
C PRO D 306 -11.25 -14.99 -11.00
N GLU D 307 -12.51 -14.86 -10.61
CA GLU D 307 -13.63 -15.15 -11.53
C GLU D 307 -13.71 -14.17 -12.72
N GLY D 308 -13.03 -13.03 -12.63
CA GLY D 308 -12.92 -12.08 -13.76
C GLY D 308 -11.77 -12.33 -14.71
N ARG D 309 -10.92 -13.31 -14.40
CA ARG D 309 -9.81 -13.69 -15.29
C ARG D 309 -10.31 -14.68 -16.33
N PRO D 310 -9.81 -14.62 -17.57
CA PRO D 310 -10.31 -15.54 -18.59
C PRO D 310 -9.79 -16.98 -18.45
N GLU D 311 -10.54 -17.91 -19.03
CA GLU D 311 -10.10 -19.31 -19.20
C GLU D 311 -8.99 -19.35 -20.25
N PHE D 312 -8.14 -20.37 -20.19
CA PHE D 312 -7.02 -20.44 -21.15
C PHE D 312 -7.45 -20.69 -22.60
N SER D 313 -8.63 -21.27 -22.79
CA SER D 313 -9.18 -21.38 -24.14
C SER D 313 -9.35 -20.01 -24.78
N GLU D 314 -9.78 -19.02 -23.98
CA GLU D 314 -9.95 -17.68 -24.52
C GLU D 314 -8.63 -17.01 -24.83
N VAL D 315 -7.66 -17.20 -23.95
CA VAL D 315 -6.30 -16.68 -24.18
C VAL D 315 -5.75 -17.23 -25.49
N VAL D 316 -5.91 -18.53 -25.70
CA VAL D 316 -5.31 -19.20 -26.88
C VAL D 316 -5.89 -18.65 -28.19
N MET D 317 -7.20 -18.47 -28.24
CA MET D 317 -7.86 -17.95 -29.44
C MET D 317 -7.47 -16.53 -29.79
N LYS D 318 -7.50 -15.63 -28.81
CA LYS D 318 -7.15 -14.23 -29.08
C LYS D 318 -5.68 -14.12 -29.49
N LEU D 319 -4.82 -14.90 -28.84
CA LEU D 319 -3.40 -14.84 -29.15
C LEU D 319 -3.07 -15.43 -30.53
N GLU D 320 -3.71 -16.53 -30.91
CA GLU D 320 -3.63 -17.08 -32.29
C GLU D 320 -4.11 -16.09 -33.37
N GLU D 321 -5.22 -15.40 -33.11
CA GLU D 321 -5.73 -14.35 -33.99
C GLU D 321 -4.68 -13.26 -34.22
N CYS D 322 -4.05 -12.78 -33.15
CA CYS D 322 -2.92 -11.83 -33.25
C CYS D 322 -1.77 -12.41 -34.07
N LEU D 323 -1.48 -13.68 -33.88
CA LEU D 323 -0.40 -14.31 -34.62
C LEU D 323 -0.72 -14.39 -36.11
N CYS D 324 -1.99 -14.62 -36.46
CA CYS D 324 -2.44 -14.57 -37.87
C CYS D 324 -2.20 -13.19 -38.47
N ASN D 325 -2.75 -12.17 -37.82
CA ASN D 325 -2.68 -10.81 -38.30
C ASN D 325 -1.24 -10.31 -38.45
N ILE D 326 -0.36 -10.71 -37.53
CA ILE D 326 1.05 -10.30 -37.59
C ILE D 326 1.82 -11.03 -38.68
N GLU D 327 1.39 -12.25 -39.00
CA GLU D 327 1.96 -12.99 -40.13
C GLU D 327 1.50 -12.37 -41.45
N LEU D 328 0.19 -12.10 -41.53
CA LEU D 328 -0.40 -11.44 -42.71
C LEU D 328 0.23 -10.07 -43.03
N MET D 329 0.43 -9.23 -42.01
CA MET D 329 0.94 -7.87 -42.21
C MET D 329 2.43 -7.81 -42.57
#